data_6WB4
#
_entry.id   6WB4
#
_cell.length_a   113.831
_cell.length_b   123.509
_cell.length_c   102.443
_cell.angle_alpha   90.000
_cell.angle_beta   90.000
_cell.angle_gamma   90.000
#
_symmetry.space_group_name_H-M   'C 2 2 21'
#
loop_
_entity.id
_entity.type
_entity.pdbx_description
1 polymer 'Acarbose Kinase Mak1'
2 branched 4,6-dideoxy-4-{[(1S,4R,5S,6S)-4,5,6-trihydroxy-3-(hydroxymethyl)cyclohex-2-en-1-yl]amino}-alpha-D-glucopyranose-(1-4)-alpha-D-glucopyranose-(1-4)-alpha-D-glucopyranose
3 non-polymer "ADENOSINE-5'-TRIPHOSPHATE"
4 non-polymer 'CALCIUM ION'
5 water water
#
_entity_poly.entity_id   1
_entity_poly.type   'polypeptide(L)'
_entity_poly.pdbx_seq_one_letter_code
;(MSE)GSSHHHHHHSSGLVPRGSH(MSE)TQADVLVVGGVGVDHIVRVKSLPLPVVDS(MSE)(MSE)VPPIVTVVGHTG
NGVALGVHALGRASA(MSE)ADVIGDDAEGRLIQDAYSAAGIPITFVTHISGTRRSVNLVTEEGQR(MSE)SLYDPRHPF
EFIPDPSLWREGIERSRHVHVSI(MSE)NWARYALRDAVAAGRSTSTDLHDWDGVADYHKDFAYGADYVFVSAAALRDES
GVVADVFARGRAQFVVV(MSE)AGSEGARVWRRSDELPLRISPISIPGRPVVDSNGAGDSFVAAFLCHYLDHGDIFGAAR
AGAVGGAWACGTLGTHTSFVDVETLERLLAR
;
_entity_poly.pdbx_strand_id   A,B
#
loop_
_chem_comp.id
_chem_comp.type
_chem_comp.name
_chem_comp.formula
AC1 D-saccharide 4,6-dideoxy-4-{[(1S,4R,5S,6S)-4,5,6-trihydroxy-3-(hydroxymethyl)cyclohex-2-en-1-yl]amino}-alpha-D-glucopyranose 'C13 H23 N O8'
ATP non-polymer ADENOSINE-5'-TRIPHOSPHATE 'C10 H16 N5 O13 P3'
CA non-polymer 'CALCIUM ION' 'Ca 2'
GLC D-saccharide, alpha linking alpha-D-glucopyranose 'C6 H12 O6'
#
# COMPACT_ATOMS: atom_id res chain seq x y z
N THR A 22 18.15 -16.63 27.18
CA THR A 22 16.85 -16.01 27.39
C THR A 22 15.79 -17.05 27.75
N GLN A 23 14.65 -16.60 28.27
CA GLN A 23 13.52 -17.47 28.63
C GLN A 23 12.20 -16.74 28.36
N ALA A 24 11.25 -17.43 27.75
CA ALA A 24 9.94 -16.83 27.42
C ALA A 24 8.76 -17.59 28.01
N ASP A 25 7.71 -16.83 28.36
CA ASP A 25 6.46 -17.44 28.76
C ASP A 25 5.72 -18.00 27.54
N VAL A 26 5.63 -17.20 26.49
CA VAL A 26 4.94 -17.58 25.27
C VAL A 26 5.79 -17.31 24.05
N LEU A 27 6.08 -18.36 23.28
CA LEU A 27 6.70 -18.19 21.98
C LEU A 27 5.62 -18.16 20.90
N VAL A 28 5.65 -17.15 20.05
CA VAL A 28 4.75 -17.11 18.91
C VAL A 28 5.49 -17.52 17.64
N VAL A 29 4.88 -18.39 16.86
CA VAL A 29 5.49 -18.87 15.63
C VAL A 29 4.68 -18.46 14.41
N GLY A 30 5.25 -17.55 13.62
CA GLY A 30 4.64 -17.08 12.39
C GLY A 30 3.63 -15.96 12.53
N GLY A 31 3.30 -15.32 11.41
CA GLY A 31 2.24 -14.35 11.39
C GLY A 31 2.62 -12.88 11.37
N VAL A 32 3.88 -12.55 11.59
CA VAL A 32 4.26 -11.14 11.65
C VAL A 32 4.18 -10.58 10.22
N GLY A 33 3.69 -9.36 10.12
CA GLY A 33 3.56 -8.70 8.83
C GLY A 33 3.50 -7.20 9.01
N VAL A 34 3.28 -6.48 7.91
CA VAL A 34 3.23 -5.03 7.94
C VAL A 34 1.91 -4.46 7.35
N ASP A 35 1.24 -3.59 8.10
CA ASP A 35 -0.03 -2.99 7.66
C ASP A 35 0.13 -1.57 7.12
N HIS A 36 -0.47 -1.29 5.96
CA HIS A 36 -0.58 0.09 5.48
C HIS A 36 -2.04 0.55 5.60
N ILE A 37 -2.27 1.47 6.51
CA ILE A 37 -3.63 1.88 6.88
C ILE A 37 -4.11 3.14 6.19
N VAL A 38 -5.20 3.00 5.46
CA VAL A 38 -5.78 4.11 4.70
C VAL A 38 -7.17 4.48 5.23
N ARG A 39 -7.34 5.74 5.64
CA ARG A 39 -8.63 6.23 6.11
C ARG A 39 -9.50 6.70 4.97
N VAL A 40 -10.65 6.06 4.78
CA VAL A 40 -11.51 6.39 3.66
C VAL A 40 -12.84 6.97 4.16
N LYS A 41 -13.52 7.72 3.29
CA LYS A 41 -14.78 8.37 3.65
C LYS A 41 -15.85 7.37 4.08
N SER A 42 -16.06 6.37 3.25
CA SER A 42 -17.10 5.38 3.50
C SER A 42 -16.84 4.07 2.79
N LEU A 43 -17.43 3.02 3.32
CA LEU A 43 -17.40 1.72 2.70
C LEU A 43 -18.84 1.30 2.47
N PRO A 44 -19.23 1.06 1.21
CA PRO A 44 -18.36 0.97 0.03
C PRO A 44 -17.79 2.31 -0.42
N LEU A 45 -16.65 2.23 -1.10
CA LEU A 45 -15.94 3.41 -1.59
C LEU A 45 -16.76 4.16 -2.62
N PRO A 46 -16.79 5.50 -2.52
CA PRO A 46 -17.39 6.31 -3.58
C PRO A 46 -16.80 5.96 -4.93
N VAL A 47 -17.57 6.15 -5.99
CA VAL A 47 -17.15 5.71 -7.31
C VAL A 47 -16.37 6.81 -8.05
N VAL A 48 -15.06 6.80 -7.88
CA VAL A 48 -14.20 7.82 -8.47
C VAL A 48 -12.85 7.24 -8.92
N ASP A 49 -12.22 7.90 -9.89
CA ASP A 49 -10.94 7.48 -10.43
C ASP A 49 -9.80 7.65 -9.42
N SER A 50 -9.93 8.64 -8.54
CA SER A 50 -8.91 8.93 -7.55
C SER A 50 -9.46 9.83 -6.45
N MSE A 51 -8.92 9.68 -5.24
CA MSE A 51 -9.35 10.54 -4.15
C MSE A 51 -8.23 10.74 -3.14
O MSE A 51 -7.39 9.87 -2.94
CB MSE A 51 -10.59 9.98 -3.45
CG MSE A 51 -10.32 8.92 -2.39
SE MSE A 51 -11.96 8.16 -1.66
CE MSE A 51 -11.22 7.42 -0.02
N MSE A 52 -8.22 11.91 -2.52
CA MSE A 52 -7.19 12.28 -1.56
C MSE A 52 -7.53 11.75 -0.17
O MSE A 52 -8.69 11.80 0.26
CB MSE A 52 -7.02 13.80 -1.53
CG MSE A 52 -6.10 14.29 -0.43
SE MSE A 52 -5.53 16.13 -0.69
CE MSE A 52 -5.03 16.49 1.16
N VAL A 53 -6.53 11.22 0.51
CA VAL A 53 -6.73 10.65 1.84
C VAL A 53 -5.70 11.21 2.81
N PRO A 54 -6.00 11.17 4.12
CA PRO A 54 -5.03 11.58 5.14
C PRO A 54 -3.82 10.66 5.16
N PRO A 55 -2.76 11.03 5.89
CA PRO A 55 -1.53 10.21 5.79
C PRO A 55 -1.73 8.74 6.01
N ILE A 56 -1.17 7.96 5.08
CA ILE A 56 -1.21 6.51 5.13
C ILE A 56 -0.08 6.02 6.00
N VAL A 57 -0.43 5.44 7.14
CA VAL A 57 0.55 4.97 8.10
C VAL A 57 0.92 3.51 7.90
N THR A 58 2.22 3.25 7.99
CA THR A 58 2.74 1.89 7.94
C THR A 58 2.99 1.45 9.38
N VAL A 59 2.34 0.37 9.82
CA VAL A 59 2.57 -0.15 11.17
C VAL A 59 2.77 -1.67 11.17
N VAL A 60 3.33 -2.19 12.26
CA VAL A 60 3.36 -3.62 12.44
C VAL A 60 2.00 -4.07 12.96
N GLY A 61 1.45 -5.08 12.31
CA GLY A 61 0.13 -5.56 12.65
C GLY A 61 0.13 -7.05 12.39
N HIS A 62 -1.06 -7.59 12.17
CA HIS A 62 -1.31 -8.99 11.83
C HIS A 62 -1.53 -9.93 13.02
N THR A 63 -1.78 -11.17 12.64
CA THR A 63 -2.32 -12.18 13.51
C THR A 63 -1.37 -12.63 14.62
N GLY A 64 -0.10 -12.85 14.28
CA GLY A 64 0.84 -13.35 15.26
C GLY A 64 1.43 -12.26 16.12
N ASN A 65 1.52 -11.07 15.54
CA ASN A 65 2.17 -9.95 16.20
C ASN A 65 1.35 -9.54 17.43
N GLY A 66 0.03 -9.64 17.32
CA GLY A 66 -0.90 -9.31 18.39
C GLY A 66 -0.74 -10.15 19.65
N VAL A 67 -0.60 -11.47 19.47
CA VAL A 67 -0.41 -12.35 20.61
C VAL A 67 0.89 -11.99 21.36
N ALA A 68 1.98 -11.80 20.63
CA ALA A 68 3.26 -11.43 21.26
C ALA A 68 3.18 -10.11 22.01
N LEU A 69 2.59 -9.10 21.37
CA LEU A 69 2.45 -7.78 21.99
C LEU A 69 1.48 -7.85 23.16
N GLY A 70 0.39 -8.56 22.97
CA GLY A 70 -0.57 -8.79 24.03
C GLY A 70 0.07 -9.43 25.24
N VAL A 71 0.87 -10.46 25.03
CA VAL A 71 1.53 -11.13 26.13
C VAL A 71 2.46 -10.16 26.85
N HIS A 72 3.24 -9.42 26.06
CA HIS A 72 4.19 -8.47 26.60
C HIS A 72 3.49 -7.37 27.40
N ALA A 73 2.35 -6.91 26.91
CA ALA A 73 1.60 -5.84 27.58
C ALA A 73 1.13 -6.27 28.98
N LEU A 74 0.91 -7.56 29.16
CA LEU A 74 0.49 -8.08 30.45
C LEU A 74 1.69 -8.41 31.34
N GLY A 75 2.86 -7.90 30.97
CA GLY A 75 4.06 -8.08 31.77
C GLY A 75 4.58 -9.50 31.79
N ARG A 76 4.24 -10.27 30.76
CA ARG A 76 4.83 -11.59 30.57
C ARG A 76 5.87 -11.56 29.44
N ALA A 77 6.82 -12.48 29.47
CA ALA A 77 7.90 -12.47 28.48
C ALA A 77 7.50 -13.22 27.21
N SER A 78 7.32 -12.48 26.12
CA SER A 78 6.99 -13.09 24.83
C SER A 78 8.20 -13.11 23.89
N ALA A 79 8.09 -13.90 22.83
CA ALA A 79 9.14 -13.99 21.81
C ALA A 79 8.50 -14.40 20.49
N MSE A 80 9.25 -14.23 19.40
CA MSE A 80 8.70 -14.55 18.09
C MSE A 80 9.70 -15.22 17.17
O MSE A 80 10.88 -14.86 17.14
CB MSE A 80 8.14 -13.30 17.42
CG MSE A 80 7.86 -13.45 15.94
SE MSE A 80 6.17 -14.27 15.46
CE MSE A 80 4.97 -12.95 16.26
N ALA A 81 9.21 -16.22 16.44
CA ALA A 81 9.95 -16.87 15.36
C ALA A 81 9.10 -16.80 14.10
N ASP A 82 9.69 -16.35 12.99
CA ASP A 82 8.92 -16.16 11.76
C ASP A 82 9.78 -15.99 10.51
N VAL A 83 9.12 -15.97 9.37
CA VAL A 83 9.77 -15.69 8.10
C VAL A 83 9.41 -14.29 7.63
N ILE A 84 10.41 -13.42 7.56
CA ILE A 84 10.20 -12.07 7.06
C ILE A 84 10.97 -11.91 5.76
N GLY A 85 10.91 -10.71 5.18
CA GLY A 85 11.67 -10.42 3.99
C GLY A 85 12.90 -9.60 4.30
N ASP A 86 13.91 -9.67 3.44
CA ASP A 86 15.02 -8.75 3.51
C ASP A 86 14.62 -7.47 2.77
N ASP A 87 13.65 -6.75 3.33
CA ASP A 87 13.12 -5.54 2.73
C ASP A 87 12.87 -4.47 3.78
N ALA A 88 12.37 -3.32 3.34
CA ALA A 88 12.14 -2.20 4.27
C ALA A 88 11.13 -2.57 5.35
N GLU A 89 10.07 -3.25 4.95
CA GLU A 89 9.05 -3.68 5.89
C GLU A 89 9.62 -4.72 6.85
N GLY A 90 10.51 -5.56 6.33
CA GLY A 90 11.20 -6.54 7.15
C GLY A 90 12.05 -5.89 8.22
N ARG A 91 12.82 -4.88 7.84
CA ARG A 91 13.66 -4.18 8.80
C ARG A 91 12.79 -3.37 9.76
N LEU A 92 11.63 -2.94 9.27
CA LEU A 92 10.70 -2.19 10.10
C LEU A 92 10.21 -3.07 11.25
N ILE A 93 9.82 -4.31 10.93
CA ILE A 93 9.42 -5.29 11.94
C ILE A 93 10.51 -5.54 12.96
N GLN A 94 11.72 -5.72 12.46
CA GLN A 94 12.87 -6.00 13.29
C GLN A 94 13.07 -4.89 14.32
N ASP A 95 13.12 -3.65 13.83
CA ASP A 95 13.35 -2.49 14.68
C ASP A 95 12.19 -2.30 15.66
N ALA A 96 10.98 -2.57 15.21
CA ALA A 96 9.81 -2.43 16.05
C ALA A 96 9.82 -3.42 17.21
N TYR A 97 10.22 -4.66 16.93
CA TYR A 97 10.38 -5.66 17.99
C TYR A 97 11.52 -5.31 18.91
N SER A 98 12.56 -4.69 18.35
CA SER A 98 13.71 -4.27 19.12
C SER A 98 13.33 -3.22 20.17
N ALA A 99 12.49 -2.27 19.77
CA ALA A 99 12.05 -1.21 20.67
C ALA A 99 11.32 -1.78 21.88
N ALA A 100 10.59 -2.89 21.69
CA ALA A 100 9.97 -3.55 22.82
C ALA A 100 10.98 -4.55 23.41
N GLY A 101 10.67 -5.09 24.58
CA GLY A 101 11.57 -6.06 25.19
C GLY A 101 11.47 -7.44 24.58
N ILE A 102 11.12 -7.49 23.29
CA ILE A 102 10.71 -8.75 22.68
C ILE A 102 11.70 -9.36 21.67
N PRO A 103 12.31 -10.50 22.05
CA PRO A 103 13.25 -11.22 21.18
C PRO A 103 12.55 -11.72 19.93
N ILE A 104 13.17 -11.57 18.78
CA ILE A 104 12.61 -12.11 17.55
C ILE A 104 13.68 -12.89 16.80
N THR A 105 13.32 -14.09 16.36
CA THR A 105 14.23 -14.93 15.60
C THR A 105 13.66 -15.18 14.22
N PHE A 106 14.46 -14.96 13.19
CA PHE A 106 13.94 -15.03 11.83
C PHE A 106 14.92 -15.53 10.78
N VAL A 107 14.36 -16.00 9.68
CA VAL A 107 15.09 -16.19 8.45
C VAL A 107 14.42 -15.33 7.39
N THR A 108 15.12 -15.01 6.31
CA THR A 108 14.53 -14.22 5.23
C THR A 108 14.33 -15.07 3.99
N HIS A 109 13.28 -14.78 3.24
CA HIS A 109 13.01 -15.49 1.99
C HIS A 109 12.80 -14.49 0.87
N ILE A 110 13.18 -14.86 -0.35
CA ILE A 110 13.16 -13.94 -1.48
C ILE A 110 11.80 -13.28 -1.71
N SER A 111 10.73 -13.99 -1.39
CA SER A 111 9.37 -13.47 -1.62
C SER A 111 9.03 -12.25 -0.79
N GLY A 112 9.79 -11.99 0.27
CA GLY A 112 9.59 -10.80 1.09
C GLY A 112 8.56 -10.90 2.21
N THR A 113 8.47 -9.84 3.00
CA THR A 113 7.58 -9.78 4.16
C THR A 113 6.09 -9.74 3.80
N ARG A 114 5.27 -10.42 4.60
CA ARG A 114 3.82 -10.33 4.46
C ARG A 114 3.38 -8.88 4.70
N ARG A 115 2.39 -8.43 3.93
CA ARG A 115 1.91 -7.07 4.07
C ARG A 115 0.41 -6.96 3.82
N SER A 116 -0.21 -5.93 4.37
CA SER A 116 -1.63 -5.68 4.15
C SER A 116 -1.91 -4.22 3.85
N VAL A 117 -2.97 -3.97 3.10
CA VAL A 117 -3.56 -2.64 3.07
C VAL A 117 -4.89 -2.69 3.81
N ASN A 118 -5.05 -1.86 4.84
CA ASN A 118 -6.31 -1.82 5.59
C ASN A 118 -7.08 -0.54 5.37
N LEU A 119 -8.28 -0.66 4.80
CA LEU A 119 -9.16 0.48 4.62
C LEU A 119 -10.06 0.65 5.83
N VAL A 120 -9.91 1.75 6.55
CA VAL A 120 -10.72 2.00 7.74
C VAL A 120 -11.53 3.28 7.54
N THR A 121 -12.69 3.34 8.18
CA THR A 121 -13.55 4.52 8.11
C THR A 121 -13.73 5.14 9.49
N GLU A 122 -14.44 6.27 9.54
CA GLU A 122 -14.70 6.93 10.80
C GLU A 122 -15.58 6.03 11.67
N GLU A 123 -16.49 5.32 10.99
CA GLU A 123 -17.37 4.37 11.65
C GLU A 123 -16.59 3.33 12.43
N GLY A 124 -15.68 2.64 11.73
CA GLY A 124 -14.91 1.58 12.33
C GLY A 124 -14.90 0.34 11.47
N GLN A 125 -15.75 0.34 10.44
CA GLN A 125 -15.76 -0.74 9.45
C GLN A 125 -14.39 -0.79 8.76
N ARG A 126 -13.74 -1.94 8.86
CA ARG A 126 -12.33 -2.05 8.52
C ARG A 126 -12.06 -3.13 7.48
N MSE A 127 -11.98 -2.72 6.22
CA MSE A 127 -11.66 -3.63 5.13
C MSE A 127 -10.16 -3.92 5.05
CB MSE A 127 -12.15 -3.04 3.80
CG MSE A 127 -11.51 -3.67 2.58
SE MSE A 127 -12.47 -5.22 1.92
CE MSE A 127 -14.02 -4.28 1.19
N SER A 128 -9.81 -5.20 4.91
CA SER A 128 -8.42 -5.63 4.92
C SER A 128 -8.03 -6.46 3.70
N LEU A 129 -7.02 -5.98 2.97
CA LEU A 129 -6.47 -6.69 1.82
C LEU A 129 -5.14 -7.38 2.15
N TYR A 130 -5.19 -8.68 2.36
CA TYR A 130 -4.07 -9.44 2.90
C TYR A 130 -3.18 -10.01 1.80
N ASP A 131 -1.89 -9.75 1.90
CA ASP A 131 -0.91 -10.33 0.99
C ASP A 131 0.00 -11.29 1.76
N PRO A 132 -0.28 -12.60 1.66
CA PRO A 132 0.45 -13.65 2.38
C PRO A 132 1.89 -13.76 1.90
N ARG A 133 2.10 -13.34 0.65
CA ARG A 133 3.44 -13.21 0.07
C ARG A 133 4.24 -14.52 -0.11
N HIS A 134 4.59 -15.20 0.98
CA HIS A 134 5.48 -16.37 0.91
C HIS A 134 4.96 -17.53 0.06
N PRO A 135 5.87 -18.22 -0.64
CA PRO A 135 5.50 -19.43 -1.37
C PRO A 135 4.92 -20.47 -0.42
N PHE A 136 3.79 -21.03 -0.79
CA PHE A 136 3.09 -22.02 0.02
C PHE A 136 4.00 -23.17 0.44
N GLU A 137 4.80 -23.68 -0.49
CA GLU A 137 5.59 -24.88 -0.25
C GLU A 137 6.99 -24.64 0.34
N PHE A 138 7.27 -23.43 0.80
CA PHE A 138 8.53 -23.19 1.47
C PHE A 138 8.48 -23.74 2.89
N ILE A 139 9.54 -24.42 3.31
CA ILE A 139 9.66 -24.92 4.67
C ILE A 139 11.03 -24.56 5.21
N PRO A 140 11.08 -23.74 6.27
CA PRO A 140 12.40 -23.31 6.72
C PRO A 140 13.16 -24.39 7.47
N ASP A 141 14.45 -24.14 7.66
CA ASP A 141 15.28 -24.91 8.57
C ASP A 141 14.66 -24.80 9.95
N PRO A 142 14.36 -25.95 10.59
CA PRO A 142 13.78 -25.98 11.93
C PRO A 142 14.59 -25.20 12.99
N SER A 143 15.79 -24.77 12.65
CA SER A 143 16.61 -23.91 13.51
C SER A 143 15.91 -22.57 13.82
N LEU A 144 14.91 -22.24 13.01
CA LEU A 144 14.12 -21.06 13.23
C LEU A 144 13.38 -21.14 14.57
N TRP A 145 12.79 -22.31 14.85
CA TRP A 145 11.95 -22.43 16.04
C TRP A 145 12.55 -23.25 17.20
N ARG A 146 13.50 -24.12 16.91
CA ARG A 146 13.91 -25.07 17.95
C ARG A 146 14.51 -24.44 19.21
N GLU A 147 15.38 -23.44 19.06
CA GLU A 147 15.97 -22.83 20.25
C GLU A 147 14.91 -22.10 21.05
N GLY A 148 14.02 -21.44 20.32
CA GLY A 148 12.90 -20.75 20.93
C GLY A 148 11.99 -21.68 21.71
N ILE A 149 11.62 -22.79 21.08
CA ILE A 149 10.78 -23.80 21.72
C ILE A 149 11.39 -24.27 23.03
N GLU A 150 12.72 -24.42 23.04
CA GLU A 150 13.44 -24.91 24.21
C GLU A 150 13.54 -23.87 25.31
N ARG A 151 13.52 -22.60 24.94
CA ARG A 151 13.64 -21.53 25.91
C ARG A 151 12.27 -20.94 26.25
N SER A 152 11.22 -21.56 25.75
CA SER A 152 9.88 -21.05 25.95
C SER A 152 9.00 -22.04 26.71
N ARG A 153 8.06 -21.49 27.47
CA ARG A 153 7.23 -22.26 28.36
C ARG A 153 5.97 -22.74 27.63
N HIS A 154 5.40 -21.88 26.80
CA HIS A 154 4.26 -22.23 25.95
C HIS A 154 4.52 -21.75 24.52
N VAL A 155 4.00 -22.47 23.53
CA VAL A 155 4.25 -22.13 22.14
C VAL A 155 2.94 -21.94 21.41
N HIS A 156 2.66 -20.71 20.96
CA HIS A 156 1.45 -20.44 20.20
C HIS A 156 1.78 -20.41 18.73
N VAL A 157 1.04 -21.20 17.96
CA VAL A 157 1.43 -21.45 16.58
C VAL A 157 0.38 -20.96 15.59
N SER A 158 0.80 -20.01 14.76
CA SER A 158 -0.02 -19.50 13.67
C SER A 158 -0.13 -20.54 12.56
N ILE A 159 -1.21 -20.48 11.82
CA ILE A 159 -1.44 -21.47 10.77
C ILE A 159 -0.73 -21.13 9.46
N MSE A 160 0.49 -20.59 9.55
CA MSE A 160 1.38 -20.52 8.40
C MSE A 160 1.69 -21.94 7.96
O MSE A 160 1.95 -22.79 8.82
CB MSE A 160 2.67 -19.77 8.74
CG MSE A 160 2.46 -18.41 9.40
SE MSE A 160 1.36 -17.21 8.31
CE MSE A 160 0.05 -16.68 9.67
N ASN A 161 1.66 -22.21 6.66
CA ASN A 161 1.75 -23.59 6.19
C ASN A 161 2.95 -24.37 6.73
N TRP A 162 4.09 -23.70 6.86
CA TRP A 162 5.29 -24.36 7.36
C TRP A 162 5.30 -24.55 8.87
N ALA A 163 4.50 -23.77 9.58
CA ALA A 163 4.52 -23.78 11.04
C ALA A 163 3.98 -25.09 11.60
N ARG A 164 3.28 -25.84 10.76
CA ARG A 164 2.78 -27.15 11.14
C ARG A 164 3.89 -28.06 11.67
N TYR A 165 5.13 -27.88 11.18
CA TYR A 165 6.27 -28.66 11.66
C TYR A 165 6.84 -28.12 12.96
N ALA A 166 6.67 -26.82 13.18
CA ALA A 166 7.05 -26.23 14.46
C ALA A 166 6.14 -26.74 15.57
N LEU A 167 4.85 -26.88 15.24
CA LEU A 167 3.87 -27.44 16.17
C LEU A 167 4.27 -28.84 16.59
N ARG A 168 4.69 -29.62 15.59
CA ARG A 168 5.18 -30.97 15.76
C ARG A 168 6.28 -30.99 16.82
N ASP A 169 7.28 -30.13 16.62
CA ASP A 169 8.43 -30.05 17.51
C ASP A 169 8.07 -29.57 18.91
N ALA A 170 7.16 -28.60 19.01
CA ALA A 170 6.78 -28.05 20.30
C ALA A 170 6.12 -29.10 21.18
N VAL A 171 5.26 -29.92 20.58
CA VAL A 171 4.67 -31.04 21.29
C VAL A 171 5.77 -32.00 21.72
N ALA A 172 6.66 -32.34 20.78
CA ALA A 172 7.76 -33.26 21.05
C ALA A 172 8.65 -32.77 22.19
N ALA A 173 8.84 -31.45 22.28
CA ALA A 173 9.70 -30.90 23.30
C ALA A 173 9.03 -30.84 24.67
N GLY A 174 7.74 -31.21 24.72
CA GLY A 174 6.98 -31.21 25.96
C GLY A 174 6.52 -29.82 26.41
N ARG A 175 6.34 -28.91 25.47
CA ARG A 175 5.75 -27.62 25.77
C ARG A 175 4.24 -27.69 25.50
N SER A 176 3.45 -26.94 26.27
CA SER A 176 2.03 -26.85 25.96
C SER A 176 1.86 -25.98 24.71
N THR A 177 0.86 -26.30 23.89
CA THR A 177 0.71 -25.62 22.62
C THR A 177 -0.68 -25.05 22.44
N SER A 178 -0.78 -23.99 21.64
CA SER A 178 -2.05 -23.42 21.25
C SER A 178 -1.97 -23.05 19.79
N THR A 179 -3.12 -22.82 19.18
CA THR A 179 -3.17 -22.37 17.79
C THR A 179 -4.50 -21.67 17.53
N ASP A 180 -4.52 -20.80 16.53
CA ASP A 180 -5.72 -20.03 16.21
C ASP A 180 -6.15 -20.35 14.78
N LEU A 181 -7.22 -21.11 14.65
CA LEU A 181 -7.69 -21.59 13.35
C LEU A 181 -8.43 -20.54 12.51
N HIS A 182 -8.78 -19.41 13.13
CA HIS A 182 -9.55 -18.33 12.49
C HIS A 182 -10.80 -18.88 11.81
N ASP A 183 -11.16 -18.33 10.65
CA ASP A 183 -12.36 -18.80 9.96
C ASP A 183 -12.12 -20.15 9.27
N TRP A 184 -12.40 -21.22 9.99
CA TRP A 184 -12.27 -22.55 9.45
C TRP A 184 -13.66 -23.16 9.34
N ASP A 185 -13.94 -23.82 8.23
CA ASP A 185 -15.28 -24.34 7.98
C ASP A 185 -15.51 -25.66 8.68
N GLY A 186 -14.42 -26.27 9.17
CA GLY A 186 -14.50 -27.53 9.88
C GLY A 186 -14.34 -28.77 9.02
N VAL A 187 -14.07 -28.55 7.73
CA VAL A 187 -13.93 -29.64 6.78
C VAL A 187 -12.56 -29.61 6.08
N ALA A 188 -12.10 -28.41 5.73
CA ALA A 188 -10.84 -28.19 5.02
C ALA A 188 -9.62 -28.87 5.67
N ASP A 189 -8.80 -29.53 4.86
CA ASP A 189 -7.69 -30.33 5.36
C ASP A 189 -6.49 -29.52 5.83
N TYR A 190 -6.32 -28.33 5.29
CA TYR A 190 -5.18 -27.47 5.62
C TYR A 190 -5.02 -27.26 7.12
N HIS A 191 -6.13 -27.02 7.81
CA HIS A 191 -6.10 -26.63 9.21
C HIS A 191 -5.98 -27.81 10.15
N LYS A 192 -6.26 -29.01 9.64
CA LYS A 192 -6.46 -30.18 10.50
C LYS A 192 -5.25 -30.50 11.38
N ASP A 193 -4.05 -30.38 10.82
CA ASP A 193 -2.83 -30.61 11.57
C ASP A 193 -2.74 -29.72 12.81
N PHE A 194 -3.17 -28.47 12.67
CA PHE A 194 -3.17 -27.52 13.77
C PHE A 194 -4.33 -27.85 14.70
N ALA A 195 -5.48 -28.13 14.10
CA ALA A 195 -6.68 -28.49 14.84
C ALA A 195 -6.48 -29.76 15.64
N TYR A 196 -5.78 -30.73 15.06
CA TYR A 196 -5.61 -32.03 15.71
C TYR A 196 -4.31 -32.17 16.50
N GLY A 197 -3.45 -31.16 16.41
CA GLY A 197 -2.10 -31.26 16.94
C GLY A 197 -1.75 -30.40 18.13
N ALA A 198 -2.65 -29.48 18.48
CA ALA A 198 -2.38 -28.54 19.56
C ALA A 198 -3.24 -28.83 20.79
N ASP A 199 -2.76 -28.41 21.95
CA ASP A 199 -3.44 -28.63 23.23
C ASP A 199 -4.66 -27.72 23.42
N TYR A 200 -4.47 -26.42 23.15
CA TYR A 200 -5.55 -25.44 23.31
C TYR A 200 -5.87 -24.85 21.94
N VAL A 201 -7.03 -25.15 21.40
CA VAL A 201 -7.34 -24.74 20.04
C VAL A 201 -8.35 -23.59 20.03
N PHE A 202 -8.06 -22.53 19.28
CA PHE A 202 -8.97 -21.39 19.12
C PHE A 202 -9.48 -21.35 17.69
N VAL A 203 -10.77 -21.07 17.53
CA VAL A 203 -11.35 -20.98 16.19
C VAL A 203 -12.50 -19.98 16.16
N SER A 204 -12.67 -19.30 15.04
CA SER A 204 -13.79 -18.38 14.88
C SER A 204 -15.04 -19.20 14.64
N ALA A 205 -16.15 -18.74 15.20
CA ALA A 205 -17.44 -19.38 14.98
C ALA A 205 -17.99 -19.05 13.60
N ALA A 206 -17.49 -17.95 13.03
CA ALA A 206 -18.05 -17.36 11.82
C ALA A 206 -18.27 -18.33 10.67
N ALA A 207 -17.33 -19.25 10.47
CA ALA A 207 -17.41 -20.14 9.31
C ALA A 207 -17.80 -21.54 9.72
N LEU A 208 -18.37 -21.65 10.92
CA LEU A 208 -18.55 -22.96 11.54
C LEU A 208 -19.97 -23.50 11.36
N ARG A 209 -20.10 -24.42 10.40
CA ARG A 209 -21.37 -25.09 10.12
C ARG A 209 -21.40 -26.38 10.95
N ASP A 210 -22.21 -26.37 12.01
CA ASP A 210 -22.28 -27.44 13.03
C ASP A 210 -21.07 -27.36 13.95
N GLU A 211 -21.13 -26.43 14.88
CA GLU A 211 -20.04 -26.22 15.83
C GLU A 211 -19.75 -27.49 16.63
N SER A 212 -20.78 -28.02 17.30
CA SER A 212 -20.63 -29.20 18.15
C SER A 212 -20.08 -30.42 17.42
N GLY A 213 -20.36 -30.49 16.12
CA GLY A 213 -19.86 -31.57 15.29
C GLY A 213 -18.37 -31.48 15.07
N VAL A 214 -17.93 -30.30 14.62
CA VAL A 214 -16.52 -30.04 14.40
C VAL A 214 -15.71 -30.23 15.68
N VAL A 215 -16.24 -29.71 16.78
CA VAL A 215 -15.61 -29.85 18.09
C VAL A 215 -15.42 -31.30 18.48
N ALA A 216 -16.45 -32.10 18.27
CA ALA A 216 -16.39 -33.52 18.57
C ALA A 216 -15.30 -34.17 17.74
N ASP A 217 -15.27 -33.83 16.45
CA ASP A 217 -14.28 -34.34 15.52
C ASP A 217 -12.85 -34.03 15.99
N VAL A 218 -12.63 -32.82 16.49
CA VAL A 218 -11.31 -32.42 16.97
C VAL A 218 -10.88 -33.28 18.16
N PHE A 219 -11.82 -33.57 19.06
CA PHE A 219 -11.53 -34.45 20.19
C PHE A 219 -11.32 -35.89 19.72
N ALA A 220 -12.06 -36.29 18.70
CA ALA A 220 -11.95 -37.64 18.18
C ALA A 220 -10.60 -37.87 17.54
N ARG A 221 -10.18 -36.93 16.70
CA ARG A 221 -8.98 -37.09 15.88
C ARG A 221 -7.76 -36.32 16.38
N GLY A 222 -7.90 -35.57 17.49
CA GLY A 222 -6.81 -34.73 17.95
C GLY A 222 -6.45 -34.84 19.42
N ARG A 223 -5.44 -34.09 19.85
CA ARG A 223 -4.95 -34.14 21.22
C ARG A 223 -5.46 -32.98 22.09
N ALA A 224 -6.39 -32.20 21.55
CA ALA A 224 -6.85 -30.98 22.23
C ALA A 224 -7.42 -31.27 23.61
N GLN A 225 -7.05 -30.43 24.58
CA GLN A 225 -7.57 -30.55 25.92
C GLN A 225 -8.88 -29.79 26.02
N PHE A 226 -8.96 -28.72 25.24
CA PHE A 226 -10.22 -27.99 25.09
C PHE A 226 -10.21 -27.14 23.83
N VAL A 227 -11.39 -26.65 23.45
CA VAL A 227 -11.54 -25.82 22.27
C VAL A 227 -12.29 -24.54 22.59
N VAL A 228 -11.65 -23.40 22.33
CA VAL A 228 -12.30 -22.12 22.56
C VAL A 228 -12.85 -21.58 21.26
N VAL A 229 -14.17 -21.42 21.20
CA VAL A 229 -14.82 -20.84 20.03
C VAL A 229 -15.08 -19.36 20.31
N MSE A 230 -14.69 -18.51 19.37
CA MSE A 230 -14.83 -17.08 19.57
C MSE A 230 -15.88 -16.52 18.62
O MSE A 230 -15.74 -16.59 17.40
CB MSE A 230 -13.48 -16.39 19.38
CG MSE A 230 -12.45 -16.92 20.37
SE MSE A 230 -10.71 -16.08 20.26
CE MSE A 230 -10.23 -16.60 18.45
N ALA A 231 -16.95 -15.99 19.21
CA ALA A 231 -18.13 -15.61 18.46
C ALA A 231 -18.36 -14.12 18.53
N GLY A 232 -17.33 -13.40 18.99
CA GLY A 232 -17.35 -11.95 19.02
C GLY A 232 -18.52 -11.39 19.79
N SER A 233 -19.53 -10.95 19.04
CA SER A 233 -20.70 -10.26 19.58
C SER A 233 -21.38 -11.00 20.72
N GLU A 234 -21.57 -12.31 20.55
CA GLU A 234 -22.21 -13.11 21.58
C GLU A 234 -21.18 -13.85 22.43
N GLY A 235 -19.95 -13.35 22.43
CA GLY A 235 -18.91 -13.82 23.32
C GLY A 235 -18.12 -15.03 22.86
N ALA A 236 -18.00 -16.02 23.74
CA ALA A 236 -17.21 -17.21 23.43
C ALA A 236 -17.73 -18.46 24.13
N ARG A 237 -17.48 -19.61 23.52
CA ARG A 237 -17.93 -20.88 24.06
C ARG A 237 -16.74 -21.78 24.26
N VAL A 238 -16.61 -22.40 25.43
CA VAL A 238 -15.48 -23.29 25.65
C VAL A 238 -15.90 -24.75 25.81
N TRP A 239 -15.43 -25.59 24.89
CA TRP A 239 -15.73 -27.01 24.90
C TRP A 239 -14.56 -27.80 25.51
N ARG A 240 -14.86 -28.69 26.44
CA ARG A 240 -13.84 -29.58 27.00
C ARG A 240 -14.18 -31.04 26.72
N ARG A 241 -13.20 -31.93 26.83
CA ARG A 241 -13.44 -33.35 26.67
C ARG A 241 -14.48 -33.89 27.66
N SER A 242 -15.36 -34.75 27.14
CA SER A 242 -16.44 -35.38 27.92
C SER A 242 -17.51 -34.42 28.46
N ASP A 243 -17.44 -33.13 28.13
CA ASP A 243 -18.55 -32.25 28.43
C ASP A 243 -19.38 -32.14 27.17
N GLU A 244 -20.66 -32.50 27.28
CA GLU A 244 -21.57 -32.43 26.15
C GLU A 244 -21.93 -30.97 25.89
N LEU A 245 -21.72 -30.15 26.90
CA LEU A 245 -22.10 -28.73 26.85
C LEU A 245 -20.91 -27.82 27.07
N PRO A 246 -20.91 -26.66 26.39
CA PRO A 246 -19.83 -25.67 26.53
C PRO A 246 -20.02 -24.71 27.69
N LEU A 247 -18.93 -24.37 28.38
CA LEU A 247 -18.94 -23.21 29.25
C LEU A 247 -19.20 -21.98 28.39
N ARG A 248 -20.28 -21.26 28.71
CA ARG A 248 -20.64 -20.06 27.95
C ARG A 248 -20.10 -18.84 28.65
N ILE A 249 -19.42 -18.00 27.89
CA ILE A 249 -18.75 -16.83 28.43
C ILE A 249 -19.39 -15.58 27.84
N SER A 250 -20.10 -14.84 28.67
CA SER A 250 -20.76 -13.62 28.21
C SER A 250 -19.71 -12.61 27.80
N PRO A 251 -19.98 -11.85 26.73
CA PRO A 251 -19.04 -10.80 26.32
C PRO A 251 -18.96 -9.72 27.38
N ILE A 252 -17.90 -8.92 27.37
CA ILE A 252 -17.68 -7.99 28.48
C ILE A 252 -17.70 -6.53 28.04
N SER A 253 -18.38 -5.70 28.82
CA SER A 253 -18.52 -4.27 28.54
C SER A 253 -17.65 -3.41 29.44
N ILE A 254 -16.81 -2.59 28.82
CA ILE A 254 -15.91 -1.72 29.55
C ILE A 254 -16.39 -0.27 29.45
N PRO A 255 -16.85 0.29 30.58
CA PRO A 255 -17.39 1.66 30.63
C PRO A 255 -16.40 2.71 30.09
N GLY A 256 -16.84 3.51 29.12
CA GLY A 256 -15.96 4.50 28.51
C GLY A 256 -15.20 3.97 27.30
N ARG A 257 -15.24 2.65 27.10
CA ARG A 257 -14.56 2.03 25.97
C ARG A 257 -15.50 1.12 25.17
N PRO A 258 -16.47 1.71 24.46
CA PRO A 258 -17.44 0.95 23.67
C PRO A 258 -16.82 0.31 22.42
N VAL A 259 -17.52 -0.68 21.86
CA VAL A 259 -17.03 -1.35 20.66
C VAL A 259 -16.96 -0.37 19.50
N VAL A 260 -15.80 -0.28 18.87
CA VAL A 260 -15.60 0.63 17.74
C VAL A 260 -15.07 -0.11 16.51
N ASP A 261 -14.28 -1.15 16.77
CA ASP A 261 -13.67 -1.94 15.71
C ASP A 261 -13.52 -3.37 16.20
N SER A 262 -14.19 -4.31 15.55
CA SER A 262 -14.19 -5.70 16.01
C SER A 262 -13.08 -6.49 15.33
N ASN A 263 -12.21 -5.76 14.63
CA ASN A 263 -11.04 -6.35 13.99
C ASN A 263 -9.82 -6.35 14.92
N GLY A 264 -9.27 -7.52 15.18
CA GLY A 264 -8.09 -7.65 16.02
C GLY A 264 -8.38 -8.18 17.42
N ALA A 265 -9.66 -8.40 17.70
CA ALA A 265 -10.10 -8.87 19.01
C ALA A 265 -9.52 -10.23 19.37
N GLY A 266 -9.57 -11.15 18.40
CA GLY A 266 -9.13 -12.52 18.61
C GLY A 266 -7.72 -12.72 19.13
N ASP A 267 -6.78 -11.93 18.63
CA ASP A 267 -5.40 -12.01 19.10
C ASP A 267 -5.25 -11.51 20.53
N SER A 268 -6.01 -10.48 20.87
CA SER A 268 -6.01 -9.94 22.23
C SER A 268 -6.67 -10.92 23.22
N PHE A 269 -7.70 -11.62 22.75
CA PHE A 269 -8.35 -12.68 23.52
C PHE A 269 -7.36 -13.80 23.85
N VAL A 270 -6.65 -14.27 22.82
CA VAL A 270 -5.70 -15.37 22.96
C VAL A 270 -4.61 -15.00 23.96
N ALA A 271 -4.02 -13.83 23.75
CA ALA A 271 -2.90 -13.35 24.58
C ALA A 271 -3.25 -13.34 26.06
N ALA A 272 -4.42 -12.79 26.37
CA ALA A 272 -4.86 -12.68 27.76
C ALA A 272 -5.23 -14.05 28.34
N PHE A 273 -5.85 -14.89 27.52
CA PHE A 273 -6.18 -16.26 27.91
C PHE A 273 -4.92 -16.99 28.34
N LEU A 274 -3.92 -16.98 27.46
CA LEU A 274 -2.64 -17.65 27.71
C LEU A 274 -1.95 -17.18 28.99
N CYS A 275 -1.94 -15.86 29.19
CA CYS A 275 -1.28 -15.27 30.34
C CYS A 275 -1.96 -15.68 31.64
N HIS A 276 -3.29 -15.57 31.66
CA HIS A 276 -4.04 -15.95 32.84
C HIS A 276 -3.92 -17.44 33.09
N TYR A 277 -4.11 -18.24 32.05
CA TYR A 277 -4.13 -19.69 32.22
C TYR A 277 -2.79 -20.22 32.73
N LEU A 278 -1.69 -19.77 32.14
CA LEU A 278 -0.35 -20.16 32.60
C LEU A 278 -0.09 -19.71 34.02
N ASP A 279 -0.82 -18.72 34.49
CA ASP A 279 -0.66 -18.27 35.85
C ASP A 279 -1.53 -19.07 36.84
N HIS A 280 -2.82 -19.10 36.58
CA HIS A 280 -3.76 -19.65 37.54
C HIS A 280 -4.17 -21.09 37.28
N GLY A 281 -4.33 -21.46 36.01
CA GLY A 281 -4.63 -22.84 35.71
C GLY A 281 -6.12 -23.13 35.56
N ASP A 282 -6.96 -22.14 35.75
CA ASP A 282 -8.40 -22.34 35.60
C ASP A 282 -8.93 -21.94 34.22
N ILE A 283 -9.52 -22.89 33.53
CA ILE A 283 -9.99 -22.66 32.17
C ILE A 283 -11.12 -21.65 32.14
N PHE A 284 -12.01 -21.71 33.13
CA PHE A 284 -13.17 -20.84 33.17
C PHE A 284 -12.71 -19.38 33.33
N GLY A 285 -11.80 -19.15 34.27
CA GLY A 285 -11.29 -17.82 34.52
C GLY A 285 -10.38 -17.28 33.42
N ALA A 286 -9.64 -18.17 32.77
CA ALA A 286 -8.79 -17.78 31.65
C ALA A 286 -9.65 -17.30 30.47
N ALA A 287 -10.81 -17.93 30.31
CA ALA A 287 -11.75 -17.56 29.27
C ALA A 287 -12.29 -16.14 29.50
N ARG A 288 -12.59 -15.79 30.74
CA ARG A 288 -13.08 -14.44 31.02
C ARG A 288 -11.96 -13.41 30.84
N ALA A 289 -10.74 -13.78 31.22
CA ALA A 289 -9.59 -12.92 30.97
C ALA A 289 -9.50 -12.61 29.49
N GLY A 290 -9.64 -13.66 28.69
CA GLY A 290 -9.65 -13.52 27.24
C GLY A 290 -10.73 -12.55 26.82
N ALA A 291 -11.92 -12.73 27.38
CA ALA A 291 -13.05 -11.88 27.01
C ALA A 291 -12.77 -10.40 27.30
N VAL A 292 -12.08 -10.13 28.41
CA VAL A 292 -11.71 -8.76 28.75
C VAL A 292 -10.73 -8.20 27.72
N GLY A 293 -9.69 -9.00 27.45
CA GLY A 293 -8.69 -8.67 26.44
C GLY A 293 -9.32 -8.37 25.10
N GLY A 294 -10.23 -9.24 24.69
CA GLY A 294 -10.98 -9.03 23.46
C GLY A 294 -11.75 -7.73 23.47
N ALA A 295 -12.49 -7.49 24.55
CA ALA A 295 -13.30 -6.28 24.69
C ALA A 295 -12.43 -5.03 24.65
N TRP A 296 -11.26 -5.11 25.27
CA TRP A 296 -10.36 -3.98 25.30
C TRP A 296 -9.90 -3.60 23.89
N ALA A 297 -9.45 -4.58 23.11
CA ALA A 297 -9.05 -4.31 21.73
C ALA A 297 -10.21 -3.72 20.92
N CYS A 298 -11.41 -4.25 21.11
CA CYS A 298 -12.58 -3.80 20.36
C CYS A 298 -12.92 -2.34 20.65
N GLY A 299 -12.47 -1.84 21.79
CA GLY A 299 -12.75 -0.46 22.19
C GLY A 299 -11.64 0.47 21.78
N THR A 300 -10.75 0.00 20.93
CA THR A 300 -9.60 0.77 20.50
C THR A 300 -9.74 1.11 19.03
N LEU A 301 -9.25 2.28 18.65
CA LEU A 301 -9.39 2.74 17.28
C LEU A 301 -8.27 2.17 16.46
N GLY A 302 -8.61 1.59 15.32
CA GLY A 302 -7.62 0.96 14.45
C GLY A 302 -6.50 1.89 13.98
N THR A 303 -6.35 3.02 14.65
CA THR A 303 -5.32 4.00 14.35
C THR A 303 -4.14 3.86 15.32
N HIS A 304 -4.44 3.44 16.54
CA HIS A 304 -3.39 3.24 17.53
C HIS A 304 -3.48 1.84 18.15
N THR A 305 -2.32 1.32 18.54
CA THR A 305 -2.22 -0.04 19.06
C THR A 305 -2.34 -0.03 20.58
N SER A 306 -3.26 -0.86 21.12
CA SER A 306 -3.52 -0.85 22.55
C SER A 306 -3.93 -2.21 23.10
N PHE A 307 -3.22 -2.66 24.14
CA PHE A 307 -3.48 -3.96 24.77
C PHE A 307 -3.67 -3.81 26.27
N VAL A 308 -4.66 -4.52 26.83
CA VAL A 308 -4.94 -4.39 28.25
C VAL A 308 -3.67 -4.77 29.03
N ASP A 309 -3.37 -3.99 30.07
CA ASP A 309 -2.25 -4.30 30.96
C ASP A 309 -2.80 -5.02 32.19
N VAL A 310 -1.91 -5.41 33.10
CA VAL A 310 -2.30 -6.18 34.28
C VAL A 310 -3.31 -5.48 35.18
N GLU A 311 -3.01 -4.24 35.56
CA GLU A 311 -3.85 -3.47 36.47
C GLU A 311 -5.30 -3.45 36.02
N THR A 312 -5.51 -3.27 34.71
CA THR A 312 -6.84 -3.12 34.16
C THR A 312 -7.56 -4.46 34.04
N LEU A 313 -6.81 -5.49 33.66
CA LEU A 313 -7.36 -6.83 33.55
C LEU A 313 -7.92 -7.29 34.89
N GLU A 314 -7.10 -7.17 35.94
CA GLU A 314 -7.51 -7.53 37.30
C GLU A 314 -8.72 -6.74 37.75
N ARG A 315 -8.72 -5.44 37.46
CA ARG A 315 -9.84 -4.59 37.86
C ARG A 315 -11.13 -5.11 37.23
N LEU A 316 -11.13 -5.25 35.92
CA LEU A 316 -12.32 -5.66 35.18
C LEU A 316 -12.75 -7.08 35.50
N LEU A 317 -11.78 -7.98 35.71
CA LEU A 317 -12.08 -9.37 36.03
C LEU A 317 -12.79 -9.49 37.37
N ALA A 318 -12.42 -8.64 38.32
CA ALA A 318 -13.01 -8.65 39.65
C ALA A 318 -14.48 -8.21 39.60
N ARG A 319 -14.87 -7.52 38.53
CA ARG A 319 -16.26 -7.09 38.42
C ARG A 319 -17.09 -8.27 37.93
N LEU B 14 19.48 20.54 0.02
CA LEU B 14 19.64 20.39 -1.43
C LEU B 14 20.58 19.22 -1.76
N VAL B 15 20.01 18.13 -2.26
CA VAL B 15 20.80 16.95 -2.60
C VAL B 15 20.64 16.51 -4.06
N PRO B 16 21.75 16.51 -4.81
CA PRO B 16 21.81 16.08 -6.21
C PRO B 16 22.37 14.67 -6.40
N ARG B 17 21.66 13.84 -7.16
CA ARG B 17 22.11 12.50 -7.50
C ARG B 17 22.43 12.40 -8.98
N GLY B 18 23.46 11.63 -9.31
CA GLY B 18 23.90 11.49 -10.69
C GLY B 18 24.57 12.76 -11.18
N SER B 19 24.56 12.95 -12.49
CA SER B 19 25.21 14.11 -13.10
C SER B 19 24.39 15.39 -13.01
N HIS B 20 24.42 16.03 -11.85
CA HIS B 20 23.83 17.37 -11.68
C HIS B 20 24.79 18.42 -12.21
N MSE B 21 25.34 18.15 -13.39
CA MSE B 21 26.41 18.95 -13.95
C MSE B 21 26.17 19.26 -15.42
O MSE B 21 26.29 20.39 -15.86
CB MSE B 21 27.75 18.23 -13.78
CG MSE B 21 28.31 18.30 -12.37
SE MSE B 21 29.14 20.04 -12.03
CE MSE B 21 28.94 20.08 -10.09
N THR B 22 25.83 18.22 -16.18
CA THR B 22 25.67 18.38 -17.61
C THR B 22 24.31 19.00 -17.96
N GLN B 23 24.22 19.51 -19.19
CA GLN B 23 23.02 20.16 -19.70
C GLN B 23 21.88 19.16 -19.88
N ALA B 24 20.66 19.58 -19.54
CA ALA B 24 19.51 18.71 -19.68
C ALA B 24 18.59 19.28 -20.75
N ASP B 25 17.99 18.40 -21.55
CA ASP B 25 16.99 18.82 -22.51
C ASP B 25 15.68 19.13 -21.81
N VAL B 26 15.28 18.24 -20.91
CA VAL B 26 14.06 18.47 -20.17
C VAL B 26 14.24 18.28 -18.67
N LEU B 27 13.98 19.34 -17.92
CA LEU B 27 13.88 19.23 -16.48
C LEU B 27 12.42 19.06 -16.09
N VAL B 28 12.12 18.04 -15.29
CA VAL B 28 10.78 17.84 -14.76
C VAL B 28 10.76 18.35 -13.32
N VAL B 29 9.76 19.15 -12.97
CA VAL B 29 9.70 19.72 -11.63
C VAL B 29 8.50 19.21 -10.83
N GLY B 30 8.77 18.41 -9.80
CA GLY B 30 7.73 17.95 -8.90
C GLY B 30 6.93 16.75 -9.35
N GLY B 31 6.17 16.18 -8.42
CA GLY B 31 5.20 15.14 -8.72
C GLY B 31 5.54 13.71 -8.35
N VAL B 32 6.79 13.46 -7.96
CA VAL B 32 7.19 12.09 -7.69
C VAL B 32 6.59 11.58 -6.38
N GLY B 33 6.22 10.30 -6.40
CA GLY B 33 5.68 9.63 -5.25
C GLY B 33 5.91 8.13 -5.38
N VAL B 34 5.42 7.39 -4.41
CA VAL B 34 5.61 5.95 -4.36
C VAL B 34 4.24 5.24 -4.34
N ASP B 35 4.05 4.31 -5.27
CA ASP B 35 2.78 3.63 -5.37
C ASP B 35 2.84 2.25 -4.73
N HIS B 36 1.81 1.93 -3.96
CA HIS B 36 1.58 0.57 -3.47
C HIS B 36 0.42 0.03 -4.30
N ILE B 37 0.69 -0.95 -5.16
CA ILE B 37 -0.32 -1.38 -6.13
C ILE B 37 -1.02 -2.67 -5.69
N VAL B 38 -2.33 -2.61 -5.53
CA VAL B 38 -3.07 -3.77 -5.06
C VAL B 38 -4.04 -4.28 -6.14
N ARG B 39 -3.86 -5.53 -6.52
CA ARG B 39 -4.72 -6.16 -7.52
C ARG B 39 -5.96 -6.76 -6.85
N VAL B 40 -7.14 -6.24 -7.20
CA VAL B 40 -8.38 -6.67 -6.55
C VAL B 40 -9.38 -7.35 -7.49
N LYS B 41 -10.30 -8.11 -6.89
CA LYS B 41 -11.30 -8.88 -7.64
C LYS B 41 -12.19 -7.96 -8.49
N SER B 42 -12.74 -6.91 -7.89
CA SER B 42 -13.62 -6.02 -8.63
C SER B 42 -13.77 -4.63 -8.01
N LEU B 43 -14.14 -3.67 -8.86
CA LEU B 43 -14.53 -2.33 -8.40
C LEU B 43 -15.93 -2.06 -8.92
N PRO B 44 -16.91 -1.91 -8.00
CA PRO B 44 -16.81 -1.77 -6.55
C PRO B 44 -16.37 -3.03 -5.81
N LEU B 45 -15.79 -2.82 -4.63
CA LEU B 45 -15.23 -3.88 -3.81
C LEU B 45 -16.28 -4.87 -3.29
N PRO B 46 -15.94 -6.18 -3.36
CA PRO B 46 -16.71 -7.28 -2.76
C PRO B 46 -16.99 -7.05 -1.28
N VAL B 47 -18.07 -7.65 -0.79
CA VAL B 47 -18.53 -7.38 0.56
C VAL B 47 -17.93 -8.31 1.61
N VAL B 48 -16.78 -7.93 2.15
CA VAL B 48 -16.09 -8.74 3.15
C VAL B 48 -15.27 -7.88 4.13
N ASP B 49 -15.03 -8.41 5.33
CA ASP B 49 -14.16 -7.74 6.29
C ASP B 49 -12.72 -7.79 5.79
N SER B 50 -12.41 -8.86 5.08
CA SER B 50 -11.07 -9.09 4.59
C SER B 50 -11.03 -10.15 3.51
N MSE B 51 -10.35 -9.83 2.41
CA MSE B 51 -10.05 -10.82 1.39
C MSE B 51 -8.57 -10.76 1.08
O MSE B 51 -7.93 -9.74 1.34
CB MSE B 51 -10.86 -10.58 0.11
CG MSE B 51 -10.42 -9.36 -0.68
SE MSE B 51 -11.59 -9.06 -2.22
CE MSE B 51 -11.96 -10.93 -2.68
N MSE B 52 -8.01 -11.84 0.57
CA MSE B 52 -6.59 -11.84 0.26
C MSE B 52 -6.37 -11.51 -1.22
O MSE B 52 -7.24 -11.74 -2.06
CB MSE B 52 -5.96 -13.19 0.62
CG MSE B 52 -6.04 -14.27 -0.44
SE MSE B 52 -5.11 -15.91 0.10
CE MSE B 52 -5.27 -16.89 -1.57
N VAL B 53 -5.20 -10.94 -1.51
CA VAL B 53 -4.85 -10.46 -2.84
C VAL B 53 -3.48 -11.01 -3.22
N PRO B 54 -3.15 -11.01 -4.53
CA PRO B 54 -1.80 -11.40 -4.96
C PRO B 54 -0.78 -10.38 -4.46
N PRO B 55 0.52 -10.68 -4.58
CA PRO B 55 1.54 -9.83 -3.94
C PRO B 55 1.44 -8.36 -4.30
N ILE B 56 1.47 -7.53 -3.27
CA ILE B 56 1.40 -6.09 -3.41
C ILE B 56 2.76 -5.48 -3.69
N VAL B 57 2.93 -4.95 -4.89
CA VAL B 57 4.21 -4.40 -5.29
C VAL B 57 4.32 -2.90 -5.03
N THR B 58 5.47 -2.49 -4.50
CA THR B 58 5.76 -1.08 -4.28
C THR B 58 6.64 -0.51 -5.38
N VAL B 59 6.16 0.50 -6.10
CA VAL B 59 6.95 1.18 -7.13
C VAL B 59 6.82 2.71 -7.08
N VAL B 60 7.69 3.38 -7.83
CA VAL B 60 7.60 4.83 -8.01
C VAL B 60 6.41 5.11 -8.90
N GLY B 61 5.60 6.09 -8.54
CA GLY B 61 4.42 6.38 -9.33
C GLY B 61 4.79 6.90 -10.71
N HIS B 62 3.85 7.49 -11.42
CA HIS B 62 4.14 7.92 -12.79
C HIS B 62 4.02 9.42 -13.01
N THR B 63 3.63 10.16 -11.98
CA THR B 63 3.12 11.51 -12.16
C THR B 63 4.20 12.48 -12.67
N GLY B 64 5.34 12.50 -12.00
CA GLY B 64 6.45 13.29 -12.49
C GLY B 64 7.38 12.35 -13.27
N ASN B 65 7.42 11.13 -12.76
CA ASN B 65 8.34 10.11 -13.21
C ASN B 65 8.13 9.62 -14.64
N GLY B 66 6.89 9.57 -15.08
CA GLY B 66 6.60 9.08 -16.42
C GLY B 66 7.25 9.91 -17.51
N VAL B 67 7.11 11.23 -17.42
CA VAL B 67 7.67 12.15 -18.40
C VAL B 67 9.20 12.06 -18.47
N ALA B 68 9.85 12.05 -17.30
CA ALA B 68 11.30 11.93 -17.24
C ALA B 68 11.79 10.66 -17.93
N LEU B 69 11.07 9.56 -17.69
CA LEU B 69 11.42 8.26 -18.25
C LEU B 69 11.23 8.22 -19.76
N GLY B 70 10.11 8.76 -20.23
CA GLY B 70 9.83 8.84 -21.64
C GLY B 70 10.90 9.60 -22.41
N VAL B 71 11.29 10.74 -21.87
CA VAL B 71 12.32 11.57 -22.45
C VAL B 71 13.68 10.86 -22.49
N HIS B 72 14.03 10.22 -21.37
CA HIS B 72 15.29 9.50 -21.29
C HIS B 72 15.30 8.34 -22.28
N ALA B 73 14.17 7.66 -22.39
CA ALA B 73 14.03 6.50 -23.27
C ALA B 73 14.31 6.86 -24.73
N LEU B 74 14.05 8.12 -25.07
CA LEU B 74 14.27 8.62 -26.42
C LEU B 74 15.69 9.17 -26.61
N GLY B 75 16.58 8.83 -25.68
CA GLY B 75 17.97 9.23 -25.79
C GLY B 75 18.20 10.72 -25.59
N ARG B 76 17.26 11.38 -24.93
CA ARG B 76 17.45 12.76 -24.52
C ARG B 76 17.74 12.81 -23.03
N ALA B 77 18.39 13.87 -22.59
CA ALA B 77 18.77 13.99 -21.20
C ALA B 77 17.66 14.64 -20.37
N SER B 78 17.00 13.86 -19.53
CA SER B 78 15.99 14.40 -18.63
C SER B 78 16.56 14.50 -17.22
N ALA B 79 15.89 15.26 -16.36
CA ALA B 79 16.28 15.39 -14.96
C ALA B 79 15.08 15.72 -14.10
N MSE B 80 15.18 15.43 -12.82
CA MSE B 80 14.08 15.66 -11.88
C MSE B 80 14.51 16.53 -10.71
O MSE B 80 15.58 16.35 -10.13
CB MSE B 80 13.49 14.32 -11.37
CG MSE B 80 12.49 14.45 -10.22
SE MSE B 80 10.70 15.06 -10.77
CE MSE B 80 10.34 13.68 -12.10
N ALA B 81 13.66 17.49 -10.34
CA ALA B 81 13.84 18.26 -9.12
C ALA B 81 12.55 18.15 -8.31
N ASP B 82 12.67 17.76 -7.04
CA ASP B 82 11.47 17.51 -6.27
C ASP B 82 11.70 17.39 -4.77
N VAL B 83 10.61 17.30 -4.03
CA VAL B 83 10.63 17.12 -2.58
C VAL B 83 10.22 15.71 -2.17
N ILE B 84 11.13 14.97 -1.55
CA ILE B 84 10.81 13.64 -1.04
C ILE B 84 10.95 13.62 0.47
N GLY B 85 10.75 12.46 1.08
CA GLY B 85 10.96 12.30 2.50
C GLY B 85 12.28 11.61 2.80
N ASP B 86 12.80 11.83 4.00
CA ASP B 86 13.92 11.06 4.49
C ASP B 86 13.41 9.75 5.05
N ASP B 87 12.87 8.92 4.16
CA ASP B 87 12.34 7.63 4.54
C ASP B 87 12.60 6.58 3.46
N ALA B 88 12.09 5.36 3.70
CA ALA B 88 12.30 4.21 2.82
C ALA B 88 11.77 4.46 1.41
N GLU B 89 10.60 5.07 1.30
CA GLU B 89 10.02 5.40 0.00
C GLU B 89 10.89 6.44 -0.69
N GLY B 90 11.48 7.34 0.11
CA GLY B 90 12.42 8.31 -0.38
C GLY B 90 13.67 7.67 -0.97
N ARG B 91 14.22 6.68 -0.26
CA ARG B 91 15.42 5.98 -0.71
C ARG B 91 15.14 5.10 -1.93
N LEU B 92 13.93 4.60 -2.03
CA LEU B 92 13.52 3.82 -3.19
C LEU B 92 13.55 4.70 -4.42
N ILE B 93 12.95 5.89 -4.30
CA ILE B 93 12.94 6.87 -5.39
C ILE B 93 14.36 7.21 -5.87
N GLN B 94 15.24 7.47 -4.92
CA GLN B 94 16.64 7.74 -5.25
C GLN B 94 17.27 6.61 -6.03
N ASP B 95 17.17 5.39 -5.48
CA ASP B 95 17.78 4.22 -6.08
C ASP B 95 17.16 3.88 -7.42
N ALA B 96 15.86 4.12 -7.53
CA ALA B 96 15.16 3.88 -8.78
C ALA B 96 15.65 4.85 -9.86
N TYR B 97 15.85 6.12 -9.51
CA TYR B 97 16.36 7.08 -10.48
C TYR B 97 17.81 6.77 -10.84
N SER B 98 18.59 6.30 -9.88
CA SER B 98 19.97 5.96 -10.17
C SER B 98 20.05 4.81 -11.18
N ALA B 99 19.28 3.75 -10.92
CA ALA B 99 19.22 2.58 -11.80
C ALA B 99 18.73 2.91 -13.22
N ALA B 100 17.90 3.95 -13.34
CA ALA B 100 17.38 4.39 -14.63
C ALA B 100 18.32 5.35 -15.38
N GLY B 101 19.34 5.83 -14.67
CA GLY B 101 20.31 6.74 -15.26
C GLY B 101 19.85 8.18 -15.33
N ILE B 102 18.90 8.55 -14.46
CA ILE B 102 18.26 9.87 -14.51
C ILE B 102 18.62 10.69 -13.28
N PRO B 103 19.32 11.82 -13.47
CA PRO B 103 19.72 12.70 -12.37
C PRO B 103 18.52 13.29 -11.62
N ILE B 104 18.57 13.24 -10.30
CA ILE B 104 17.51 13.83 -9.48
C ILE B 104 18.08 14.71 -8.37
N THR B 105 17.48 15.87 -8.21
CA THR B 105 17.86 16.78 -7.16
C THR B 105 16.67 16.90 -6.25
N PHE B 106 16.91 16.81 -4.94
CA PHE B 106 15.79 16.85 -4.01
C PHE B 106 16.12 17.58 -2.72
N VAL B 107 15.07 17.95 -2.03
CA VAL B 107 15.12 18.33 -0.62
C VAL B 107 14.22 17.35 0.10
N THR B 108 14.40 17.21 1.41
CA THR B 108 13.51 16.36 2.19
C THR B 108 12.62 17.15 3.15
N HIS B 109 11.43 16.64 3.39
CA HIS B 109 10.52 17.24 4.35
C HIS B 109 10.07 16.20 5.37
N ILE B 110 9.88 16.65 6.62
CA ILE B 110 9.56 15.78 7.74
C ILE B 110 8.29 14.95 7.51
N SER B 111 7.33 15.52 6.80
CA SER B 111 6.06 14.84 6.53
C SER B 111 6.27 13.60 5.66
N GLY B 112 7.46 13.50 5.06
CA GLY B 112 7.82 12.33 4.27
C GLY B 112 7.46 12.35 2.80
N THR B 113 7.82 11.25 2.13
CA THR B 113 7.58 11.07 0.70
C THR B 113 6.09 10.92 0.37
N ARG B 114 5.66 11.49 -0.75
CA ARG B 114 4.31 11.30 -1.24
C ARG B 114 4.08 9.83 -1.55
N ARG B 115 2.91 9.31 -1.20
CA ARG B 115 2.64 7.90 -1.42
C ARG B 115 1.18 7.67 -1.78
N SER B 116 0.92 6.58 -2.48
CA SER B 116 -0.44 6.21 -2.84
C SER B 116 -0.66 4.73 -2.65
N VAL B 117 -1.90 4.35 -2.38
CA VAL B 117 -2.33 2.98 -2.60
C VAL B 117 -3.22 3.02 -3.84
N ASN B 118 -2.88 2.20 -4.83
CA ASN B 118 -3.64 2.12 -6.08
C ASN B 118 -4.36 0.81 -6.20
N LEU B 119 -5.68 0.89 -6.31
CA LEU B 119 -6.49 -0.31 -6.53
C LEU B 119 -6.74 -0.50 -8.01
N VAL B 120 -6.25 -1.60 -8.56
CA VAL B 120 -6.41 -1.91 -9.97
C VAL B 120 -7.03 -3.29 -10.17
N THR B 121 -7.79 -3.47 -11.26
CA THR B 121 -8.36 -4.78 -11.56
C THR B 121 -7.92 -5.24 -12.94
N GLU B 122 -8.33 -6.44 -13.30
CA GLU B 122 -7.98 -7.06 -14.57
C GLU B 122 -8.44 -6.25 -15.79
N GLU B 123 -9.59 -5.59 -15.70
CA GLU B 123 -10.06 -4.75 -16.80
C GLU B 123 -9.07 -3.64 -17.11
N GLY B 124 -8.72 -2.86 -16.08
CA GLY B 124 -7.83 -1.74 -16.25
C GLY B 124 -8.32 -0.60 -15.40
N GLN B 125 -9.53 -0.76 -14.85
CA GLN B 125 -10.09 0.21 -13.92
C GLN B 125 -9.18 0.39 -12.72
N ARG B 126 -8.76 1.64 -12.53
CA ARG B 126 -7.71 2.00 -11.58
C ARG B 126 -8.31 2.99 -10.59
N MSE B 127 -8.07 2.76 -9.30
CA MSE B 127 -8.49 3.74 -8.29
C MSE B 127 -7.36 4.07 -7.34
O MSE B 127 -6.83 3.20 -6.65
CB MSE B 127 -9.67 3.24 -7.49
CG MSE B 127 -9.98 4.20 -6.36
SE MSE B 127 -11.68 3.96 -5.48
CE MSE B 127 -11.76 5.69 -4.57
N SER B 128 -7.02 5.36 -7.30
CA SER B 128 -5.85 5.81 -6.56
C SER B 128 -6.22 6.52 -5.26
N LEU B 129 -5.70 6.01 -4.15
CA LEU B 129 -5.86 6.67 -2.86
C LEU B 129 -4.56 7.42 -2.55
N TYR B 130 -4.57 8.72 -2.79
CA TYR B 130 -3.35 9.53 -2.80
C TYR B 130 -3.07 10.23 -1.47
N ASP B 131 -1.87 10.02 -0.93
CA ASP B 131 -1.43 10.71 0.29
C ASP B 131 -0.27 11.65 -0.04
N PRO B 132 -0.58 12.94 -0.23
CA PRO B 132 0.37 14.00 -0.58
C PRO B 132 1.36 14.34 0.54
N ARG B 133 1.01 14.07 1.80
CA ARG B 133 1.92 14.26 2.94
C ARG B 133 2.29 15.73 3.20
N HIS B 134 2.95 16.37 2.22
CA HIS B 134 3.46 17.74 2.40
C HIS B 134 2.36 18.79 2.64
N PRO B 135 2.64 19.78 3.50
CA PRO B 135 1.71 20.89 3.77
C PRO B 135 1.33 21.63 2.49
N PHE B 136 0.03 21.92 2.32
CA PHE B 136 -0.45 22.62 1.13
C PHE B 136 0.33 23.91 0.82
N GLU B 137 0.61 24.69 1.85
CA GLU B 137 1.26 25.98 1.66
C GLU B 137 2.80 25.89 1.71
N PHE B 138 3.32 24.67 1.60
CA PHE B 138 4.78 24.46 1.61
C PHE B 138 5.47 24.84 0.32
N ILE B 139 6.62 25.49 0.46
CA ILE B 139 7.50 25.84 -0.66
C ILE B 139 8.95 25.49 -0.32
N PRO B 140 9.58 24.59 -1.11
CA PRO B 140 10.95 24.19 -0.81
C PRO B 140 11.94 25.32 -1.08
N ASP B 141 13.20 25.10 -0.71
CA ASP B 141 14.28 26.00 -1.10
C ASP B 141 14.20 26.26 -2.59
N PRO B 142 13.99 27.53 -2.98
CA PRO B 142 13.88 27.91 -4.39
C PRO B 142 15.10 27.53 -5.24
N SER B 143 16.21 27.23 -4.58
CA SER B 143 17.39 26.70 -5.27
C SER B 143 17.10 25.36 -5.93
N LEU B 144 16.04 24.69 -5.48
CA LEU B 144 15.67 23.38 -5.98
C LEU B 144 15.38 23.42 -7.47
N TRP B 145 14.70 24.46 -7.94
CA TRP B 145 14.36 24.50 -9.35
C TRP B 145 15.27 25.48 -10.11
N ARG B 146 15.80 26.48 -9.40
CA ARG B 146 16.58 27.52 -10.03
C ARG B 146 17.87 26.94 -10.64
N GLU B 147 18.53 26.07 -9.88
CA GLU B 147 19.77 25.46 -10.35
C GLU B 147 19.52 24.55 -11.55
N GLY B 148 18.41 23.82 -11.51
CA GLY B 148 17.98 23.02 -12.64
C GLY B 148 17.73 23.89 -13.86
N ILE B 149 16.99 24.99 -13.67
CA ILE B 149 16.66 25.95 -14.72
C ILE B 149 17.89 26.44 -15.49
N GLU B 150 19.00 26.61 -14.78
CA GLU B 150 20.21 27.12 -15.41
C GLU B 150 20.89 26.07 -16.29
N ARG B 151 20.74 24.80 -15.93
CA ARG B 151 21.39 23.72 -16.65
C ARG B 151 20.44 23.00 -17.60
N SER B 152 19.21 23.50 -17.72
CA SER B 152 18.20 22.83 -18.54
C SER B 152 17.62 23.67 -19.65
N ARG B 153 17.28 22.99 -20.75
CA ARG B 153 16.80 23.66 -21.94
C ARG B 153 15.30 23.88 -21.92
N HIS B 154 14.57 22.89 -21.43
CA HIS B 154 13.13 22.99 -21.30
C HIS B 154 12.71 22.51 -19.91
N VAL B 155 11.66 23.10 -19.36
CA VAL B 155 11.23 22.79 -18.01
C VAL B 155 9.75 22.38 -18.01
N HIS B 156 9.49 21.12 -17.66
CA HIS B 156 8.13 20.60 -17.57
C HIS B 156 7.68 20.61 -16.13
N VAL B 157 6.54 21.22 -15.85
CA VAL B 157 6.17 21.49 -14.48
C VAL B 157 4.90 20.77 -14.06
N SER B 158 5.07 19.84 -13.12
CA SER B 158 3.94 19.12 -12.53
C SER B 158 3.19 20.10 -11.66
N ILE B 159 1.89 19.88 -11.49
CA ILE B 159 1.05 20.82 -10.77
C ILE B 159 1.10 20.65 -9.26
N MSE B 160 2.33 20.56 -8.72
CA MSE B 160 2.52 20.74 -7.29
C MSE B 160 2.22 22.20 -7.00
O MSE B 160 2.43 23.06 -7.85
CB MSE B 160 3.94 20.39 -6.85
CG MSE B 160 4.34 18.91 -6.89
SE MSE B 160 2.95 17.57 -6.57
CE MSE B 160 2.38 17.31 -8.41
N ASN B 161 1.73 22.48 -5.80
CA ASN B 161 1.27 23.82 -5.47
C ASN B 161 2.39 24.85 -5.47
N TRP B 162 3.57 24.44 -5.01
CA TRP B 162 4.71 25.34 -4.96
C TRP B 162 5.34 25.48 -6.35
N ALA B 163 5.05 24.53 -7.23
CA ALA B 163 5.68 24.50 -8.54
C ALA B 163 5.23 25.65 -9.44
N ARG B 164 4.11 26.29 -9.08
CA ARG B 164 3.67 27.48 -9.80
C ARG B 164 4.77 28.54 -9.84
N TYR B 165 5.59 28.60 -8.79
CA TYR B 165 6.64 29.61 -8.70
C TYR B 165 7.87 29.19 -9.50
N ALA B 166 8.04 27.88 -9.65
CA ALA B 166 9.09 27.34 -10.49
C ALA B 166 8.77 27.65 -11.96
N LEU B 167 7.50 27.55 -12.31
CA LEU B 167 7.05 27.88 -13.66
C LEU B 167 7.36 29.33 -14.03
N ARG B 168 6.99 30.27 -13.14
CA ARG B 168 7.33 31.69 -13.34
C ARG B 168 8.81 31.90 -13.56
N ASP B 169 9.63 31.35 -12.68
CA ASP B 169 11.07 31.52 -12.76
C ASP B 169 11.62 30.97 -14.06
N ALA B 170 11.08 29.86 -14.54
CA ALA B 170 11.55 29.27 -15.79
C ALA B 170 11.23 30.16 -17.00
N VAL B 171 10.02 30.71 -17.04
CA VAL B 171 9.65 31.62 -18.11
C VAL B 171 10.56 32.86 -18.08
N ALA B 172 10.66 33.44 -16.89
CA ALA B 172 11.45 34.62 -16.64
C ALA B 172 12.90 34.40 -17.07
N ALA B 173 13.37 33.18 -16.89
CA ALA B 173 14.75 32.82 -17.24
C ALA B 173 14.87 32.55 -18.74
N GLY B 174 13.76 32.63 -19.46
CA GLY B 174 13.76 32.39 -20.89
C GLY B 174 13.83 30.92 -21.32
N ARG B 175 13.34 30.02 -20.47
CA ARG B 175 13.20 28.62 -20.88
C ARG B 175 11.80 28.39 -21.41
N SER B 176 11.67 27.49 -22.38
CA SER B 176 10.33 27.07 -22.81
C SER B 176 9.78 26.16 -21.73
N THR B 177 8.48 26.23 -21.52
CA THR B 177 7.85 25.54 -20.42
C THR B 177 6.67 24.71 -20.90
N SER B 178 6.37 23.65 -20.17
CA SER B 178 5.18 22.86 -20.42
C SER B 178 4.55 22.44 -19.10
N THR B 179 3.30 22.00 -19.15
CA THR B 179 2.63 21.47 -17.96
C THR B 179 1.47 20.57 -18.37
N ASP B 180 1.09 19.66 -17.49
CA ASP B 180 -0.01 18.74 -17.77
C ASP B 180 -1.11 18.95 -16.74
N LEU B 181 -2.20 19.58 -17.16
CA LEU B 181 -3.27 19.96 -16.24
C LEU B 181 -4.11 18.76 -15.81
N HIS B 182 -3.93 17.64 -16.49
CA HIS B 182 -4.71 16.43 -16.24
C HIS B 182 -6.21 16.71 -16.27
N ASP B 183 -6.95 16.06 -15.40
CA ASP B 183 -8.40 16.27 -15.36
C ASP B 183 -8.72 17.61 -14.70
N TRP B 184 -8.81 18.65 -15.52
CA TRP B 184 -9.13 19.99 -15.06
C TRP B 184 -10.47 20.36 -15.65
N ASP B 185 -11.36 20.95 -14.86
CA ASP B 185 -12.71 21.24 -15.34
C ASP B 185 -12.78 22.53 -16.14
N GLY B 186 -11.70 23.31 -16.05
CA GLY B 186 -11.64 24.58 -16.77
C GLY B 186 -12.19 25.70 -15.91
N VAL B 187 -12.56 25.38 -14.67
CA VAL B 187 -13.18 26.33 -13.76
C VAL B 187 -12.36 26.53 -12.49
N ALA B 188 -11.87 25.43 -11.91
CA ALA B 188 -11.09 25.47 -10.68
C ALA B 188 -9.89 26.43 -10.79
N ASP B 189 -9.72 27.24 -9.76
CA ASP B 189 -8.72 28.31 -9.78
C ASP B 189 -7.31 27.79 -9.52
N TYR B 190 -7.22 26.64 -8.87
CA TYR B 190 -5.93 26.05 -8.51
C TYR B 190 -4.99 25.92 -9.71
N HIS B 191 -5.54 25.50 -10.84
CA HIS B 191 -4.75 25.17 -12.02
C HIS B 191 -4.35 26.39 -12.87
N LYS B 192 -5.04 27.50 -12.67
CA LYS B 192 -4.98 28.60 -13.63
C LYS B 192 -3.57 29.17 -13.84
N ASP B 193 -2.78 29.28 -12.77
CA ASP B 193 -1.40 29.75 -12.89
C ASP B 193 -0.61 28.91 -13.90
N PHE B 194 -0.85 27.61 -13.88
CA PHE B 194 -0.21 26.68 -14.79
C PHE B 194 -0.80 26.78 -16.19
N ALA B 195 -2.13 26.87 -16.26
CA ALA B 195 -2.83 26.97 -17.53
C ALA B 195 -2.45 28.23 -18.29
N TYR B 196 -2.25 29.33 -17.57
CA TYR B 196 -1.97 30.62 -18.22
C TYR B 196 -0.49 30.93 -18.24
N GLY B 197 0.31 30.07 -17.62
CA GLY B 197 1.71 30.37 -17.40
C GLY B 197 2.70 29.55 -18.21
N ALA B 198 2.23 28.53 -18.92
CA ALA B 198 3.15 27.67 -19.66
C ALA B 198 3.04 27.87 -21.16
N ASP B 199 4.14 27.60 -21.86
CA ASP B 199 4.19 27.75 -23.31
C ASP B 199 3.43 26.62 -23.99
N TYR B 200 3.61 25.40 -23.51
CA TYR B 200 2.91 24.25 -24.09
C TYR B 200 2.01 23.64 -23.03
N VAL B 201 0.70 23.71 -23.25
CA VAL B 201 -0.25 23.24 -22.25
C VAL B 201 -0.89 21.92 -22.69
N PHE B 202 -0.87 20.95 -21.78
CA PHE B 202 -1.53 19.66 -22.02
C PHE B 202 -2.66 19.51 -21.01
N VAL B 203 -3.80 19.00 -21.46
CA VAL B 203 -4.91 18.79 -20.54
C VAL B 203 -5.78 17.61 -21.00
N SER B 204 -6.35 16.92 -20.03
CA SER B 204 -7.26 15.81 -20.28
C SER B 204 -8.63 16.32 -20.68
N ALA B 205 -9.30 15.57 -21.56
CA ALA B 205 -10.68 15.92 -21.92
C ALA B 205 -11.68 15.48 -20.85
N ALA B 206 -11.26 14.51 -20.05
CA ALA B 206 -12.14 13.77 -19.12
C ALA B 206 -13.11 14.63 -18.31
N ALA B 207 -12.67 15.78 -17.85
CA ALA B 207 -13.49 16.62 -16.97
C ALA B 207 -13.77 17.98 -17.58
N LEU B 208 -13.60 18.08 -18.89
CA LEU B 208 -13.63 19.36 -19.59
C LEU B 208 -15.02 19.73 -20.07
N ARG B 209 -15.67 20.62 -19.33
CA ARG B 209 -16.98 21.12 -19.72
C ARG B 209 -16.82 22.38 -20.56
N ASP B 210 -17.06 22.24 -21.86
CA ASP B 210 -16.83 23.28 -22.87
C ASP B 210 -15.36 23.45 -23.16
N GLU B 211 -14.82 22.53 -23.97
CA GLU B 211 -13.41 22.55 -24.32
C GLU B 211 -13.04 23.85 -25.04
N SER B 212 -13.75 24.15 -26.12
CA SER B 212 -13.45 25.32 -26.93
C SER B 212 -13.52 26.62 -26.12
N GLY B 213 -14.34 26.62 -25.08
CA GLY B 213 -14.43 27.75 -24.18
C GLY B 213 -13.17 27.86 -23.33
N VAL B 214 -12.80 26.75 -22.70
CA VAL B 214 -11.61 26.69 -21.87
C VAL B 214 -10.35 27.04 -22.67
N VAL B 215 -10.25 26.51 -23.88
CA VAL B 215 -9.11 26.81 -24.74
C VAL B 215 -9.02 28.31 -25.04
N ALA B 216 -10.15 28.90 -25.41
CA ALA B 216 -10.22 30.32 -25.73
C ALA B 216 -9.79 31.15 -24.54
N ASP B 217 -10.29 30.75 -23.37
CA ASP B 217 -9.91 31.37 -22.13
C ASP B 217 -8.39 31.29 -21.91
N VAL B 218 -7.81 30.13 -22.19
CA VAL B 218 -6.37 29.92 -21.99
C VAL B 218 -5.49 30.85 -22.83
N PHE B 219 -5.85 31.04 -24.11
CA PHE B 219 -5.13 31.96 -24.99
C PHE B 219 -5.37 33.44 -24.63
N ALA B 220 -6.56 33.75 -24.16
CA ALA B 220 -6.91 35.12 -23.79
C ALA B 220 -6.13 35.58 -22.57
N ARG B 221 -6.05 34.71 -21.57
CA ARG B 221 -5.48 35.10 -20.29
C ARG B 221 -4.06 34.56 -20.08
N GLY B 222 -3.55 33.78 -21.03
CA GLY B 222 -2.26 33.12 -20.86
C GLY B 222 -1.27 33.22 -22.02
N ARG B 223 -0.08 32.66 -21.82
CA ARG B 223 0.99 32.79 -22.81
C ARG B 223 1.15 31.57 -23.73
N ALA B 224 0.24 30.60 -23.61
CA ALA B 224 0.33 29.34 -24.35
C ALA B 224 0.38 29.56 -25.84
N GLN B 225 1.25 28.83 -26.52
CA GLN B 225 1.34 28.87 -27.98
C GLN B 225 0.34 27.91 -28.59
N PHE B 226 0.03 26.84 -27.87
CA PHE B 226 -1.01 25.91 -28.27
C PHE B 226 -1.53 25.12 -27.07
N VAL B 227 -2.66 24.44 -27.26
CA VAL B 227 -3.24 23.63 -26.19
C VAL B 227 -3.53 22.23 -26.72
N VAL B 228 -2.94 21.23 -26.08
CA VAL B 228 -3.18 19.86 -26.49
C VAL B 228 -4.18 19.18 -25.58
N VAL B 229 -5.33 18.82 -26.14
CA VAL B 229 -6.34 18.09 -25.40
C VAL B 229 -6.27 16.63 -25.74
N MSE B 230 -6.03 15.81 -24.72
CA MSE B 230 -5.95 14.38 -24.92
C MSE B 230 -7.28 13.71 -24.58
O MSE B 230 -7.93 14.09 -23.60
CB MSE B 230 -4.80 13.81 -24.08
CG MSE B 230 -3.43 14.13 -24.71
SE MSE B 230 -1.97 14.23 -23.44
CE MSE B 230 -2.74 15.52 -22.22
N ALA B 231 -7.67 12.74 -25.40
CA ALA B 231 -9.01 12.16 -25.30
C ALA B 231 -9.00 10.63 -25.34
N GLY B 232 -7.81 10.06 -25.19
CA GLY B 232 -7.66 8.62 -25.13
C GLY B 232 -8.21 7.88 -26.34
N SER B 233 -9.40 7.30 -26.17
CA SER B 233 -10.02 6.44 -27.17
C SER B 233 -10.12 7.12 -28.54
N GLU B 234 -10.50 8.39 -28.55
CA GLU B 234 -10.65 9.12 -29.80
C GLU B 234 -9.44 10.01 -30.13
N GLY B 235 -8.29 9.69 -29.54
CA GLY B 235 -7.04 10.33 -29.92
C GLY B 235 -6.72 11.62 -29.20
N ALA B 236 -6.40 12.65 -29.97
CA ALA B 236 -6.01 13.94 -29.40
C ALA B 236 -6.39 15.12 -30.28
N ARG B 237 -6.62 16.26 -29.65
CA ARG B 237 -6.96 17.49 -30.34
C ARG B 237 -5.99 18.59 -29.92
N VAL B 238 -5.43 19.26 -30.92
CA VAL B 238 -4.46 20.32 -30.70
C VAL B 238 -4.96 21.67 -31.17
N TRP B 239 -5.07 22.61 -30.25
CA TRP B 239 -5.51 23.96 -30.57
C TRP B 239 -4.34 24.91 -30.64
N ARG B 240 -4.27 25.69 -31.72
CA ARG B 240 -3.28 26.77 -31.84
C ARG B 240 -3.98 28.13 -31.76
N ARG B 241 -3.22 29.18 -31.49
CA ARG B 241 -3.77 30.54 -31.45
C ARG B 241 -4.46 30.95 -32.75
N SER B 242 -3.70 30.96 -33.84
CA SER B 242 -4.24 31.37 -35.15
C SER B 242 -5.45 30.54 -35.58
N ASP B 243 -5.23 29.25 -35.79
CA ASP B 243 -6.31 28.32 -36.10
C ASP B 243 -7.52 28.44 -35.17
N GLU B 244 -8.69 28.60 -35.78
CA GLU B 244 -9.93 28.66 -35.04
C GLU B 244 -10.41 27.23 -34.80
N LEU B 245 -9.84 26.31 -35.56
CA LEU B 245 -10.24 24.92 -35.51
C LEU B 245 -9.13 24.05 -34.91
N PRO B 246 -9.51 22.99 -34.18
CA PRO B 246 -8.52 22.10 -33.60
C PRO B 246 -7.86 21.20 -34.63
N LEU B 247 -6.56 20.97 -34.50
CA LEU B 247 -5.91 19.89 -35.24
C LEU B 247 -6.27 18.57 -34.59
N ARG B 248 -6.89 17.68 -35.36
CA ARG B 248 -7.33 16.40 -34.81
C ARG B 248 -6.34 15.29 -35.13
N ILE B 249 -5.92 14.55 -34.10
CA ILE B 249 -4.95 13.47 -34.30
C ILE B 249 -5.52 12.13 -33.87
N SER B 250 -5.79 11.29 -34.85
CA SER B 250 -6.39 9.98 -34.61
C SER B 250 -5.45 9.11 -33.79
N PRO B 251 -6.01 8.26 -32.92
CA PRO B 251 -5.16 7.36 -32.15
C PRO B 251 -4.48 6.37 -33.08
N ILE B 252 -3.38 5.77 -32.63
CA ILE B 252 -2.54 4.99 -33.51
C ILE B 252 -2.48 3.52 -33.09
N SER B 253 -2.58 2.62 -34.05
CA SER B 253 -2.56 1.19 -33.78
C SER B 253 -1.23 0.54 -34.17
N ILE B 254 -0.58 -0.12 -33.21
CA ILE B 254 0.71 -0.76 -33.43
C ILE B 254 0.62 -2.29 -33.50
N PRO B 255 0.86 -2.86 -34.69
CA PRO B 255 0.77 -4.32 -34.91
C PRO B 255 1.67 -5.09 -33.94
N GLY B 256 1.08 -6.09 -33.27
CA GLY B 256 1.78 -6.87 -32.26
C GLY B 256 1.64 -6.31 -30.86
N ARG B 257 1.14 -5.08 -30.74
CA ARG B 257 0.96 -4.44 -29.44
C ARG B 257 -0.45 -3.91 -29.25
N PRO B 258 -1.42 -4.81 -29.10
CA PRO B 258 -2.78 -4.31 -28.93
C PRO B 258 -2.93 -3.58 -27.60
N VAL B 259 -3.97 -2.77 -27.48
CA VAL B 259 -4.24 -2.03 -26.25
C VAL B 259 -4.57 -2.95 -25.08
N VAL B 260 -3.85 -2.78 -23.98
CA VAL B 260 -4.10 -3.56 -22.77
C VAL B 260 -4.31 -2.67 -21.54
N ASP B 261 -3.61 -1.54 -21.47
CA ASP B 261 -3.75 -0.61 -20.33
C ASP B 261 -3.42 0.84 -20.74
N SER B 262 -4.40 1.73 -20.65
CA SER B 262 -4.23 3.11 -21.10
C SER B 262 -3.90 4.10 -19.98
N ASN B 263 -3.56 3.60 -18.79
CA ASN B 263 -3.19 4.49 -17.70
C ASN B 263 -1.71 4.84 -17.75
N GLY B 264 -1.44 6.13 -17.84
CA GLY B 264 -0.06 6.60 -17.89
C GLY B 264 0.30 7.00 -19.30
N ALA B 265 -0.66 6.81 -20.21
CA ALA B 265 -0.45 7.09 -21.62
C ALA B 265 -0.10 8.57 -21.82
N GLY B 266 -0.84 9.44 -21.13
CA GLY B 266 -0.63 10.88 -21.22
C GLY B 266 0.81 11.30 -20.97
N ASP B 267 1.48 10.62 -20.04
CA ASP B 267 2.87 10.95 -19.76
C ASP B 267 3.75 10.66 -20.97
N SER B 268 3.46 9.57 -21.66
CA SER B 268 4.22 9.20 -22.84
C SER B 268 3.92 10.11 -24.03
N PHE B 269 2.67 10.56 -24.12
CA PHE B 269 2.32 11.50 -25.18
C PHE B 269 3.20 12.72 -25.00
N VAL B 270 3.25 13.25 -23.78
CA VAL B 270 4.01 14.45 -23.49
C VAL B 270 5.50 14.27 -23.77
N ALA B 271 6.08 13.19 -23.25
CA ALA B 271 7.52 12.93 -23.42
C ALA B 271 7.95 12.90 -24.89
N ALA B 272 7.19 12.18 -25.71
CA ALA B 272 7.48 12.08 -27.14
C ALA B 272 7.18 13.40 -27.86
N PHE B 273 6.08 14.05 -27.50
CA PHE B 273 5.75 15.37 -28.07
C PHE B 273 6.90 16.33 -27.82
N LEU B 274 7.30 16.45 -26.56
CA LEU B 274 8.37 17.34 -26.18
C LEU B 274 9.66 17.05 -26.95
N CYS B 275 10.03 15.78 -27.06
CA CYS B 275 11.28 15.41 -27.70
C CYS B 275 11.28 15.79 -29.18
N HIS B 276 10.18 15.50 -29.86
CA HIS B 276 10.07 15.86 -31.26
C HIS B 276 10.07 17.37 -31.46
N TYR B 277 9.22 18.07 -30.71
CA TYR B 277 9.01 19.49 -30.91
C TYR B 277 10.28 20.29 -30.64
N LEU B 278 10.99 19.93 -29.58
CA LEU B 278 12.25 20.57 -29.24
C LEU B 278 13.32 20.39 -30.32
N ASP B 279 13.18 19.34 -31.12
CA ASP B 279 14.13 19.11 -32.21
C ASP B 279 13.71 19.79 -33.51
N HIS B 280 12.47 19.55 -33.94
CA HIS B 280 12.01 20.01 -35.24
C HIS B 280 11.24 21.32 -35.19
N GLY B 281 10.41 21.50 -34.17
CA GLY B 281 9.69 22.75 -34.02
C GLY B 281 8.34 22.72 -34.69
N ASP B 282 8.02 21.62 -35.37
CA ASP B 282 6.73 21.50 -36.03
C ASP B 282 5.70 20.87 -35.12
N ILE B 283 4.66 21.64 -34.83
CA ILE B 283 3.62 21.22 -33.91
C ILE B 283 2.80 20.02 -34.39
N PHE B 284 2.45 20.01 -35.67
CA PHE B 284 1.60 18.95 -36.19
C PHE B 284 2.30 17.60 -36.06
N GLY B 285 3.57 17.57 -36.45
CA GLY B 285 4.36 16.35 -36.35
C GLY B 285 4.70 15.99 -34.91
N ALA B 286 4.87 16.99 -34.06
CA ALA B 286 5.14 16.74 -32.64
C ALA B 286 3.93 16.06 -32.01
N ALA B 287 2.74 16.41 -32.48
CA ALA B 287 1.52 15.80 -32.01
C ALA B 287 1.46 14.32 -32.40
N ARG B 288 1.88 14.00 -33.62
CA ARG B 288 1.86 12.61 -34.08
C ARG B 288 2.91 11.79 -33.36
N ALA B 289 4.07 12.39 -33.09
CA ALA B 289 5.05 11.72 -32.25
C ALA B 289 4.41 11.40 -30.91
N GLY B 290 3.69 12.38 -30.37
CA GLY B 290 2.96 12.24 -29.11
C GLY B 290 2.00 11.07 -29.16
N ALA B 291 1.26 10.94 -30.26
CA ALA B 291 0.32 9.83 -30.42
C ALA B 291 1.02 8.46 -30.42
N VAL B 292 2.18 8.38 -31.07
CA VAL B 292 2.96 7.13 -31.11
C VAL B 292 3.40 6.74 -29.71
N GLY B 293 3.96 7.72 -29.00
CA GLY B 293 4.31 7.52 -27.60
C GLY B 293 3.11 7.02 -26.82
N GLY B 294 1.96 7.66 -27.00
CA GLY B 294 0.73 7.24 -26.37
C GLY B 294 0.32 5.82 -26.69
N ALA B 295 0.37 5.45 -27.96
CA ALA B 295 -0.01 4.11 -28.39
C ALA B 295 0.90 3.05 -27.77
N TRP B 296 2.18 3.36 -27.68
CA TRP B 296 3.14 2.42 -27.14
C TRP B 296 2.83 2.09 -25.70
N ALA B 297 2.62 3.14 -24.90
CA ALA B 297 2.30 2.98 -23.48
C ALA B 297 1.06 2.12 -23.28
N CYS B 298 0.06 2.30 -24.11
CA CYS B 298 -1.18 1.56 -24.00
C CYS B 298 -1.05 0.06 -24.20
N GLY B 299 0.02 -0.36 -24.89
CA GLY B 299 0.22 -1.77 -25.17
C GLY B 299 1.07 -2.45 -24.13
N THR B 300 1.30 -1.73 -23.03
CA THR B 300 2.12 -2.26 -21.95
C THR B 300 1.24 -2.36 -20.71
N LEU B 301 1.49 -3.36 -19.88
CA LEU B 301 0.71 -3.55 -18.67
C LEU B 301 1.40 -2.75 -17.56
N GLY B 302 0.66 -1.89 -16.89
CA GLY B 302 1.24 -1.01 -15.89
C GLY B 302 1.11 0.43 -16.35
N THR B 303 1.54 1.38 -15.53
CA THR B 303 1.42 2.78 -15.91
C THR B 303 2.70 3.37 -16.49
N HIS B 304 3.86 2.96 -15.97
CA HIS B 304 5.14 3.43 -16.50
C HIS B 304 6.09 2.27 -16.74
N THR B 305 5.67 1.31 -17.56
CA THR B 305 6.47 0.10 -17.76
C THR B 305 7.46 0.16 -18.93
N SER B 306 7.02 0.74 -20.04
CA SER B 306 7.82 0.70 -21.25
C SER B 306 7.60 1.93 -22.12
N PHE B 307 8.68 2.55 -22.58
CA PHE B 307 8.57 3.75 -23.40
C PHE B 307 9.24 3.55 -24.76
N VAL B 308 8.59 4.05 -25.80
CA VAL B 308 9.11 3.91 -27.15
C VAL B 308 10.51 4.55 -27.25
N ASP B 309 11.42 3.88 -27.96
CA ASP B 309 12.76 4.43 -28.19
C ASP B 309 12.82 5.15 -29.53
N VAL B 310 13.98 5.73 -29.86
CA VAL B 310 14.12 6.51 -31.10
C VAL B 310 13.86 5.71 -32.37
N GLU B 311 14.52 4.57 -32.49
CA GLU B 311 14.39 3.71 -33.67
C GLU B 311 12.93 3.40 -33.97
N THR B 312 12.16 3.12 -32.93
CA THR B 312 10.77 2.72 -33.09
C THR B 312 9.83 3.91 -33.37
N LEU B 313 10.09 5.03 -32.69
CA LEU B 313 9.29 6.24 -32.93
C LEU B 313 9.35 6.61 -34.40
N GLU B 314 10.59 6.74 -34.90
CA GLU B 314 10.85 7.10 -36.30
C GLU B 314 10.20 6.14 -37.28
N ARG B 315 10.37 4.83 -37.03
CA ARG B 315 9.77 3.80 -37.86
C ARG B 315 8.24 4.00 -37.93
N LEU B 316 7.59 4.03 -36.77
CA LEU B 316 6.13 4.16 -36.74
C LEU B 316 5.67 5.53 -37.21
N LEU B 317 6.43 6.56 -36.90
CA LEU B 317 6.08 7.92 -37.30
C LEU B 317 6.06 8.08 -38.83
N ALA B 318 7.01 7.44 -39.51
CA ALA B 318 7.07 7.55 -40.97
C ALA B 318 5.94 6.79 -41.70
N ARG B 319 5.33 5.82 -41.03
CA ARG B 319 4.31 4.97 -41.65
C ARG B 319 2.91 5.60 -41.72
C1 GLC C . -2.47 -20.26 -0.95
C2 GLC C . -3.86 -20.87 -0.66
C3 GLC C . -4.21 -21.15 0.81
C4 GLC C . -3.40 -20.35 1.83
C5 GLC C . -2.72 -19.17 1.17
C6 GLC C . -1.89 -18.34 2.14
O1 GLC C . -2.61 -19.22 -1.92
O2 GLC C . -4.87 -20.02 -1.24
O3 GLC C . -4.09 -22.55 1.07
O4 GLC C . -4.29 -19.91 2.87
O5 GLC C . -1.83 -19.71 0.20
O6 GLC C . -0.62 -18.10 1.53
C1 GLC C . -4.28 -20.80 4.00
C2 GLC C . -5.71 -20.99 4.52
C3 GLC C . -6.26 -19.67 5.07
C4 GLC C . -5.27 -19.01 6.03
C5 GLC C . -3.88 -18.95 5.41
C6 GLC C . -2.84 -18.35 6.35
O2 GLC C . -6.54 -21.47 3.47
O3 GLC C . -7.51 -19.91 5.73
O4 GLC C . -5.75 -17.69 6.31
O5 GLC C . -3.46 -20.26 5.02
O6 GLC C . -1.68 -17.92 5.61
C1 AC1 C . -6.36 -17.58 7.58
O2 AC1 C . -8.49 -17.16 6.50
C2 AC1 C . -7.61 -16.70 7.54
C4A AC1 C . -5.94 -9.65 9.95
C3 AC1 C . -7.28 -15.22 7.32
O3 AC1 C . -8.48 -14.46 7.45
C4 AC1 C . -6.24 -14.77 8.34
N4A AC1 C . -5.82 -13.40 8.13
C5 AC1 C . -5.03 -15.69 8.24
O5 AC1 C . -5.41 -17.05 8.52
C6 AC1 C . -3.94 -15.27 9.21
C1B AC1 C . -6.55 -12.24 8.63
C2B AC1 C . -6.04 -11.00 7.88
O2B AC1 C . -5.29 -11.45 6.76
C3B AC1 C . -5.15 -10.11 8.73
O3B AC1 C . -4.67 -8.99 7.98
O4 AC1 C . -5.14 -8.77 10.75
C5B AC1 C . -6.29 -10.89 10.74
C7B AC1 C . -6.45 -12.07 10.14
C6B AC1 C . -6.44 -10.79 12.24
O6B AC1 C . -5.88 -11.96 12.85
C1 GLC D . -6.01 20.85 -1.25
C2 GLC D . -7.16 20.83 -2.27
C3 GLC D . -6.73 20.91 -3.74
C4 GLC D . -5.37 20.27 -4.02
C5 GLC D . -4.95 19.36 -2.86
C6 GLC D . -3.66 18.60 -3.13
O1 GLC D . -6.44 20.19 -0.06
O2 GLC D . -7.99 19.67 -2.07
O3 GLC D . -6.72 22.29 -4.17
O4 GLC D . -5.42 19.51 -5.23
O5 GLC D . -4.81 20.21 -1.71
O6 GLC D . -2.59 19.50 -3.44
C1 GLC D . -4.76 20.17 -6.31
C2 GLC D . -5.64 20.13 -7.56
C3 GLC D . -5.81 18.68 -8.05
C4 GLC D . -4.42 18.08 -8.28
C5 GLC D . -3.61 18.17 -6.99
C6 GLC D . -2.21 17.58 -7.15
O2 GLC D . -6.92 20.72 -7.28
O3 GLC D . -6.60 18.67 -9.25
O4 GLC D . -4.51 16.73 -8.74
O5 GLC D . -3.50 19.53 -6.57
O6 GLC D . -1.49 17.70 -5.92
C1 AC1 D . -4.42 16.67 -10.18
O2 AC1 D . -6.76 16.04 -10.36
C2 AC1 D . -5.42 15.67 -10.75
C4A AC1 D . -3.32 8.89 -11.18
C3 AC1 D . -5.12 14.24 -10.32
O3 AC1 D . -5.90 13.37 -11.15
C4 AC1 D . -3.64 13.88 -10.45
N4A AC1 D . -3.35 12.74 -9.58
C5 AC1 D . -2.68 15.01 -10.10
O5 AC1 D . -3.11 16.27 -10.60
C6 AC1 D . -1.30 14.76 -10.69
C1B AC1 D . -3.79 11.40 -9.97
C2B AC1 D . -3.03 10.32 -9.19
O2B AC1 D . -2.06 10.92 -8.32
C3B AC1 D . -2.34 9.31 -10.10
O3B AC1 D . -1.88 8.18 -9.34
O4 AC1 D . -2.85 7.77 -11.93
C5B AC1 D . -3.42 10.09 -12.05
C7B AC1 D . -3.70 11.26 -11.47
C6B AC1 D . -3.17 10.04 -13.53
O6B AC1 D . -2.29 11.12 -13.89
PG ATP E . -9.92 -13.07 13.75
O1G ATP E . -9.71 -11.73 13.07
O2G ATP E . -10.73 -14.05 12.95
O3G ATP E . -8.68 -13.65 14.40
PB ATP E . -12.42 -13.09 15.08
O1B ATP E . -13.16 -12.31 14.02
O2B ATP E . -12.53 -14.60 15.15
O3B ATP E . -10.85 -12.72 15.03
PA ATP E . -14.30 -12.43 17.08
O1A ATP E . -14.86 -13.83 17.13
O2A ATP E . -15.07 -11.35 16.33
O3A ATP E . -12.80 -12.49 16.53
O5' ATP E . -14.06 -11.93 18.59
C5' ATP E . -13.36 -12.76 19.52
C4' ATP E . -13.55 -12.26 20.95
O4' ATP E . -13.54 -10.84 21.00
C3' ATP E . -14.89 -12.72 21.51
O3' ATP E . -14.72 -13.82 22.41
C2' ATP E . -15.45 -11.51 22.25
O2' ATP E . -15.35 -11.72 23.67
C1' ATP E . -14.59 -10.32 21.82
N9 ATP E . -15.47 -9.44 21.00
C8 ATP E . -15.40 -9.30 19.66
N7 ATP E . -16.34 -8.43 19.20
C5 ATP E . -17.04 -8.00 20.27
C6 ATP E . -18.17 -7.08 20.50
N6 ATP E . -18.76 -6.43 19.47
N1 ATP E . -18.61 -6.91 21.77
C2 ATP E . -18.03 -7.56 22.81
N3 ATP E . -17.00 -8.41 22.67
C4 ATP E . -16.47 -8.68 21.46
CA CA F . -2.39 -15.94 15.40
CA CA G . -10.11 -15.61 15.54
PG ATP H . -3.06 10.33 -17.08
O1G ATP H . -3.55 8.94 -16.73
O2G ATP H . -3.86 11.45 -16.46
O3G ATP H . -1.57 10.50 -16.97
PB ATP H . -4.87 10.54 -19.23
O1B ATP H . -5.65 9.37 -18.67
O2B ATP H . -5.37 11.95 -19.06
O3B ATP H . -3.35 10.46 -18.65
PA ATP H . -5.81 10.03 -21.83
O1A ATP H . -6.60 11.30 -21.96
O2A ATP H . -6.51 8.75 -21.45
O3A ATP H . -4.60 10.29 -20.79
O5' ATP H . -4.99 9.77 -23.20
C5' ATP H . -3.79 10.51 -23.47
C4' ATP H . -3.24 10.23 -24.88
O4' ATP H . -2.71 8.91 -24.97
C3' ATP H . -4.30 10.36 -25.96
O3' ATP H . -4.20 11.61 -26.63
C2' ATP H . -4.01 9.23 -26.93
O2' ATP H . -3.32 9.71 -28.09
C1' ATP H . -3.14 8.25 -26.16
N9 ATP H . -4.07 7.16 -25.78
C8 ATP H . -4.64 6.99 -24.57
N7 ATP H . -5.44 5.91 -24.54
C5 ATP H . -5.42 5.37 -25.78
C6 ATP H . -6.04 4.21 -26.44
N6 ATP H . -6.89 3.39 -25.75
N1 ATP H . -5.75 3.99 -27.74
C2 ATP H . -4.91 4.79 -28.42
N3 ATP H . -4.30 5.86 -27.88
C4 ATP H . -4.51 6.20 -26.59
CA CA I . 1.05 8.26 -9.02
CA CA J . 3.42 15.38 -15.02
CA CA K . -3.45 13.26 -18.37
#